data_3G68
#
_entry.id   3G68
#
_cell.length_a   130.525
_cell.length_b   55.914
_cell.length_c   103.031
_cell.angle_alpha   90.000
_cell.angle_beta   114.220
_cell.angle_gamma   90.000
#
_symmetry.space_group_name_H-M   'C 1 2 1'
#
loop_
_entity.id
_entity.type
_entity.pdbx_description
1 polymer 'Putative phosphosugar isomerase'
2 non-polymer 'CITRIC ACID'
3 non-polymer 1,2-ETHANEDIOL
4 water water
#
_entity_poly.entity_id   1
_entity_poly.type   'polypeptide(L)'
_entity_poly.pdbx_seq_one_letter_code
;G(MSE)TIQDY(MSE)LETPVR(MSE)REIISNADSLFNEVKRTNLKKIIITGSGTSYHSGVQVQPYLQNLLDIDVVK
(MSE)YPF(MSE)ITEDTFKFDNENTLVVGVSQGGSSYSTYNA(MSE)KLAEDKGCKIAS(MSE)AGCKNALIDEISDYI
LTVNCGEEKSGAKTKGYYCTKLNL(MSE)LLGLQIAREKGIISSEKYNEEINKILDAINRFEAVYKLSKQWIERNKEKLV
NSKEIRIIGHSDIYGDTLEAALKLLET(MSE)RIPVTGYEFEEFIHGIYNAINSDSTIFILDTGKEPRVTK(MSE)IDVL
SGWTENVFAIGRDVTENDKNLKIDITDNPYYQTFNFIVPIQLICGEIPTLRGVDPSVPKDTRFH(MSE)KLGSKKLNK
;
_entity_poly.pdbx_strand_id   A,B
#
# COMPACT_ATOMS: atom_id res chain seq x y z
N GLY A 1 4.98 -9.92 -10.38
CA GLY A 1 3.63 -9.62 -9.82
C GLY A 1 3.65 -9.34 -8.32
N THR A 3 2.89 -9.97 -4.47
CA THR A 3 2.94 -11.17 -3.68
C THR A 3 2.07 -11.05 -2.43
N ILE A 4 1.81 -12.19 -1.80
CA ILE A 4 1.13 -12.23 -0.50
C ILE A 4 1.88 -11.28 0.46
N GLN A 5 3.21 -11.38 0.49
CA GLN A 5 4.01 -10.54 1.39
C GLN A 5 3.76 -9.04 1.19
N ASP A 6 3.69 -8.61 -0.08
CA ASP A 6 3.39 -7.23 -0.43
C ASP A 6 2.09 -6.77 0.23
N TYR A 7 1.07 -7.61 0.16
CA TYR A 7 -0.23 -7.29 0.73
C TYR A 7 -0.25 -7.28 2.25
N LEU A 9 2.35 -6.58 4.15
CA LEU A 9 3.16 -5.46 4.59
C LEU A 9 2.47 -4.10 4.52
N GLU A 10 1.50 -3.94 3.61
CA GLU A 10 0.68 -2.71 3.56
C GLU A 10 -0.57 -2.78 4.44
N THR A 11 -0.80 -3.92 5.11
CA THR A 11 -2.03 -4.06 5.92
C THR A 11 -2.10 -2.99 7.02
N PRO A 12 -1.01 -2.78 7.76
CA PRO A 12 -1.15 -1.71 8.78
C PRO A 12 -1.64 -0.33 8.29
N VAL A 13 -1.10 0.18 7.21
CA VAL A 13 -1.50 1.52 6.74
C VAL A 13 -2.96 1.52 6.26
N ARG A 14 -3.40 0.42 5.65
CA ARG A 14 -4.81 0.30 5.22
C ARG A 14 -5.74 0.28 6.43
N ARG A 16 -5.19 1.63 9.44
CA ARG A 16 -5.22 2.96 9.99
C ARG A 16 -6.12 3.87 9.17
N GLU A 17 -6.09 3.80 7.84
CA GLU A 17 -6.97 4.66 7.01
C GLU A 17 -8.44 4.28 7.16
N ILE A 18 -8.70 2.98 7.29
CA ILE A 18 -10.06 2.50 7.58
C ILE A 18 -10.61 3.08 8.90
N ILE A 19 -9.80 3.08 9.93
CA ILE A 19 -10.16 3.67 11.19
C ILE A 19 -10.47 5.15 10.97
N SER A 20 -9.60 5.86 10.24
CA SER A 20 -9.82 7.27 9.97
CA SER A 20 -9.79 7.28 9.96
C SER A 20 -11.10 7.55 9.18
N ASN A 21 -11.49 6.64 8.30
CA ASN A 21 -12.71 6.83 7.49
C ASN A 21 -14.02 6.38 8.15
N ALA A 22 -13.93 5.77 9.33
CA ALA A 22 -15.09 5.14 9.96
C ALA A 22 -16.24 6.09 10.25
N ASP A 23 -15.96 7.27 10.83
CA ASP A 23 -17.08 8.21 11.11
C ASP A 23 -17.90 8.54 9.87
N SER A 24 -17.24 8.66 8.73
CA SER A 24 -17.92 8.94 7.50
C SER A 24 -18.61 7.68 6.96
N LEU A 25 -17.88 6.58 6.89
CA LEU A 25 -18.43 5.35 6.31
C LEU A 25 -19.72 4.83 6.99
N PHE A 26 -19.72 4.81 8.33
CA PHE A 26 -20.84 4.26 9.15
C PHE A 26 -21.87 5.28 9.64
N ASN A 27 -21.77 6.53 9.17
CA ASN A 27 -22.68 7.58 9.59
C ASN A 27 -24.17 7.30 9.36
N GLU A 28 -24.51 6.56 8.30
CA GLU A 28 -25.92 6.26 7.99
C GLU A 28 -26.39 4.97 8.69
N VAL A 29 -25.68 3.86 8.47
CA VAL A 29 -26.05 2.59 9.07
C VAL A 29 -26.14 2.64 10.59
N LYS A 30 -25.31 3.44 11.27
CA LYS A 30 -25.37 3.52 12.74
C LYS A 30 -26.72 4.06 13.24
N ARG A 31 -27.45 4.75 12.35
CA ARG A 31 -28.69 5.42 12.69
C ARG A 31 -29.94 4.58 12.47
N THR A 32 -29.80 3.37 11.93
CA THR A 32 -30.94 2.47 11.70
C THR A 32 -31.43 1.89 13.02
N ASN A 33 -32.66 1.40 13.03
CA ASN A 33 -33.25 0.73 14.17
C ASN A 33 -32.96 -0.76 13.99
N LEU A 34 -32.02 -1.30 14.75
CA LEU A 34 -31.61 -2.72 14.62
C LEU A 34 -31.91 -3.60 15.81
N LYS A 35 -32.59 -4.73 15.56
CA LYS A 35 -32.86 -5.73 16.57
C LYS A 35 -32.02 -7.03 16.39
N LYS A 36 -31.36 -7.16 15.23
CA LYS A 36 -30.54 -8.33 14.92
C LYS A 36 -29.59 -8.05 13.77
N ILE A 37 -28.40 -8.64 13.86
CA ILE A 37 -27.40 -8.58 12.78
C ILE A 37 -27.03 -10.01 12.37
N ILE A 38 -27.04 -10.27 11.07
CA ILE A 38 -26.59 -11.52 10.52
C ILE A 38 -25.40 -11.19 9.62
N ILE A 39 -24.24 -11.79 9.90
CA ILE A 39 -23.07 -11.62 9.04
C ILE A 39 -22.98 -12.92 8.19
N THR A 40 -22.90 -12.78 6.87
CA THR A 40 -22.82 -13.92 5.98
C THR A 40 -21.81 -13.70 4.85
N GLY A 41 -21.13 -14.77 4.48
CA GLY A 41 -20.13 -14.77 3.42
C GLY A 41 -19.57 -16.17 3.24
N SER A 42 -18.85 -16.42 2.13
CA SER A 42 -18.24 -17.71 1.85
C SER A 42 -16.75 -17.67 2.14
N GLY A 43 -16.20 -18.85 2.40
CA GLY A 43 -14.78 -19.02 2.66
C GLY A 43 -14.19 -18.01 3.58
N THR A 44 -13.17 -17.27 3.13
CA THR A 44 -12.52 -16.26 4.01
C THR A 44 -13.46 -15.19 4.60
N SER A 45 -14.48 -14.81 3.84
CA SER A 45 -15.50 -13.85 4.29
C SER A 45 -16.33 -14.47 5.42
N TYR A 46 -16.63 -15.76 5.34
CA TYR A 46 -17.34 -16.43 6.42
C TYR A 46 -16.44 -16.39 7.68
N HIS A 47 -15.15 -16.62 7.50
CA HIS A 47 -14.21 -16.64 8.63
C HIS A 47 -14.11 -15.32 9.40
N SER A 48 -14.20 -14.21 8.69
CA SER A 48 -14.20 -12.91 9.35
C SER A 48 -15.44 -12.81 10.27
N GLY A 49 -16.61 -13.29 9.80
CA GLY A 49 -17.80 -13.29 10.66
C GLY A 49 -17.65 -14.26 11.85
N VAL A 50 -17.09 -15.43 11.62
CA VAL A 50 -16.85 -16.40 12.73
C VAL A 50 -15.96 -15.74 13.79
N GLN A 51 -14.91 -15.09 13.32
CA GLN A 51 -13.91 -14.49 14.20
C GLN A 51 -14.44 -13.30 15.03
N VAL A 52 -15.19 -12.40 14.40
CA VAL A 52 -15.62 -11.17 15.05
C VAL A 52 -16.97 -11.23 15.76
N GLN A 53 -17.80 -12.21 15.42
CA GLN A 53 -19.11 -12.36 16.07
C GLN A 53 -19.07 -12.37 17.62
N PRO A 54 -18.10 -13.07 18.26
CA PRO A 54 -18.03 -13.01 19.71
C PRO A 54 -17.80 -11.59 20.27
N TYR A 55 -16.90 -10.84 19.65
CA TYR A 55 -16.66 -9.45 20.00
C TYR A 55 -17.94 -8.65 19.91
N LEU A 56 -18.65 -8.82 18.81
CA LEU A 56 -19.89 -8.05 18.58
C LEU A 56 -21.02 -8.41 19.54
N GLN A 57 -21.14 -9.71 19.84
CA GLN A 57 -22.15 -10.18 20.81
C GLN A 57 -21.82 -9.64 22.21
N ASN A 58 -20.53 -9.53 22.53
CA ASN A 58 -20.09 -8.93 23.80
C ASN A 58 -20.37 -7.42 23.84
N LEU A 59 -20.12 -6.73 22.75
CA LEU A 59 -20.28 -5.29 22.65
C LEU A 59 -21.73 -4.80 22.60
N LEU A 60 -22.54 -5.40 21.73
CA LEU A 60 -23.89 -4.93 21.46
C LEU A 60 -24.97 -5.57 22.32
N ASP A 61 -26.13 -4.95 22.29
CA ASP A 61 -27.32 -5.39 23.05
C ASP A 61 -28.34 -6.11 22.20
N ILE A 62 -27.95 -6.56 21.02
CA ILE A 62 -28.83 -7.30 20.15
C ILE A 62 -28.13 -8.58 19.77
N ASP A 63 -28.89 -9.51 19.20
CA ASP A 63 -28.26 -10.78 18.78
CA ASP A 63 -28.37 -10.75 18.65
C ASP A 63 -27.46 -10.51 17.48
N VAL A 64 -26.24 -11.06 17.49
CA VAL A 64 -25.32 -11.02 16.37
C VAL A 64 -24.99 -12.51 16.04
N VAL A 65 -25.30 -12.90 14.80
CA VAL A 65 -25.07 -14.27 14.34
C VAL A 65 -24.26 -14.26 13.07
N LYS A 66 -23.50 -15.33 12.84
CA LYS A 66 -22.84 -15.53 11.53
C LYS A 66 -23.37 -16.79 10.92
N TYR A 68 -23.12 -19.40 7.14
CA TYR A 68 -22.74 -19.67 5.76
C TYR A 68 -23.95 -19.24 4.89
N PRO A 69 -23.74 -18.73 3.66
CA PRO A 69 -24.91 -18.40 2.81
C PRO A 69 -25.86 -19.57 2.55
N PHE A 70 -25.34 -20.78 2.47
CA PHE A 70 -26.19 -21.96 2.26
C PHE A 70 -27.17 -22.22 3.40
N ILE A 72 -28.85 -19.86 4.91
CA ILE A 72 -29.89 -18.83 4.86
C ILE A 72 -31.00 -19.34 3.97
N THR A 73 -32.19 -19.50 4.56
CA THR A 73 -33.40 -19.97 3.87
C THR A 73 -34.55 -19.06 4.27
N GLU A 74 -35.74 -19.32 3.71
CA GLU A 74 -36.94 -18.57 4.08
CA GLU A 74 -36.94 -18.56 4.07
C GLU A 74 -37.25 -18.71 5.58
N ASP A 75 -36.88 -19.85 6.16
CA ASP A 75 -37.06 -20.09 7.61
C ASP A 75 -36.20 -19.22 8.52
N THR A 76 -35.11 -18.68 7.98
CA THR A 76 -34.25 -17.73 8.68
C THR A 76 -35.04 -16.44 8.92
N PHE A 77 -36.01 -16.14 8.04
CA PHE A 77 -36.77 -14.88 8.09
C PHE A 77 -38.28 -14.99 8.39
N LYS A 78 -38.61 -15.77 9.41
CA LYS A 78 -39.99 -15.98 9.85
C LYS A 78 -40.56 -14.85 10.69
N PHE A 79 -39.72 -14.28 11.54
CA PHE A 79 -40.15 -13.30 12.52
C PHE A 79 -40.27 -11.91 11.93
N ASP A 80 -40.06 -10.91 12.81
CA ASP A 80 -39.87 -9.54 12.43
C ASP A 80 -38.59 -9.57 11.61
N ASN A 81 -38.58 -8.95 10.44
CA ASN A 81 -37.35 -8.82 9.62
C ASN A 81 -36.98 -7.37 9.29
N GLU A 82 -37.90 -6.44 9.54
CA GLU A 82 -37.71 -5.01 9.26
C GLU A 82 -36.53 -4.42 10.01
N ASN A 83 -36.22 -4.96 11.20
CA ASN A 83 -35.12 -4.50 12.04
C ASN A 83 -33.89 -5.44 12.07
N THR A 84 -33.78 -6.32 11.06
CA THR A 84 -32.69 -7.23 10.91
C THR A 84 -31.79 -6.70 9.82
N LEU A 85 -30.50 -6.51 10.14
CA LEU A 85 -29.54 -6.09 9.19
C LEU A 85 -28.75 -7.31 8.77
N VAL A 86 -28.77 -7.62 7.47
CA VAL A 86 -27.95 -8.68 6.89
C VAL A 86 -26.72 -8.04 6.22
N VAL A 87 -25.55 -8.35 6.78
CA VAL A 87 -24.27 -7.88 6.25
C VAL A 87 -23.62 -8.95 5.37
N GLY A 88 -23.68 -8.75 4.07
CA GLY A 88 -23.07 -9.63 3.08
C GLY A 88 -21.61 -9.21 2.88
N VAL A 89 -20.72 -10.17 3.12
CA VAL A 89 -19.28 -9.98 3.05
C VAL A 89 -18.70 -10.78 1.88
N SER A 90 -17.96 -10.07 1.01
CA SER A 90 -17.34 -10.68 -0.15
C SER A 90 -16.26 -9.77 -0.65
N GLN A 91 -15.00 -10.19 -0.55
CA GLN A 91 -13.93 -9.22 -0.89
C GLN A 91 -13.96 -8.82 -2.34
N GLY A 92 -14.10 -9.79 -3.23
CA GLY A 92 -14.22 -9.50 -4.68
C GLY A 92 -15.55 -8.86 -4.99
N GLY A 93 -16.54 -9.11 -4.14
CA GLY A 93 -17.81 -8.45 -4.24
C GLY A 93 -18.82 -9.11 -5.14
N SER A 94 -18.47 -10.23 -5.77
CA SER A 94 -19.34 -10.91 -6.73
C SER A 94 -19.64 -12.39 -6.47
N SER A 95 -19.42 -12.88 -5.26
CA SER A 95 -19.72 -14.30 -4.95
C SER A 95 -21.22 -14.49 -5.02
N TYR A 96 -21.70 -15.39 -5.90
CA TYR A 96 -23.14 -15.62 -6.03
C TYR A 96 -23.78 -16.24 -4.79
N SER A 97 -23.02 -17.05 -4.05
CA SER A 97 -23.51 -17.64 -2.79
C SER A 97 -24.02 -16.51 -1.90
N THR A 98 -23.14 -15.53 -1.66
CA THR A 98 -23.42 -14.36 -0.78
C THR A 98 -24.47 -13.42 -1.37
N TYR A 99 -24.36 -13.16 -2.66
CA TYR A 99 -25.34 -12.35 -3.36
C TYR A 99 -26.74 -12.97 -3.18
N ASN A 100 -26.87 -14.28 -3.47
CA ASN A 100 -28.16 -14.99 -3.33
C ASN A 100 -28.75 -14.95 -1.93
N ALA A 101 -27.90 -15.12 -0.91
CA ALA A 101 -28.37 -15.04 0.49
C ALA A 101 -28.88 -13.61 0.81
N LYS A 103 -30.04 -11.46 -1.39
CA LYS A 103 -31.24 -11.24 -2.19
C LYS A 103 -32.46 -11.85 -1.52
N LEU A 104 -32.29 -13.03 -0.90
CA LEU A 104 -33.38 -13.68 -0.18
C LEU A 104 -33.78 -12.83 1.04
N ALA A 105 -32.77 -12.33 1.78
CA ALA A 105 -33.00 -11.46 2.93
C ALA A 105 -33.74 -10.17 2.51
N GLU A 106 -33.31 -9.56 1.42
CA GLU A 106 -33.97 -8.37 0.85
C GLU A 106 -35.43 -8.67 0.53
N ASP A 107 -35.68 -9.77 -0.18
CA ASP A 107 -37.07 -10.13 -0.55
C ASP A 107 -37.93 -10.36 0.69
N LYS A 108 -37.32 -10.75 1.81
CA LYS A 108 -38.05 -10.98 3.08
C LYS A 108 -38.19 -9.74 3.97
N GLY A 109 -37.68 -8.60 3.50
CA GLY A 109 -37.85 -7.33 4.22
C GLY A 109 -36.69 -6.86 5.07
N CYS A 110 -35.56 -7.57 5.01
CA CYS A 110 -34.39 -7.17 5.79
C CYS A 110 -33.70 -5.92 5.28
N LYS A 111 -32.97 -5.27 6.18
CA LYS A 111 -32.07 -4.17 5.83
C LYS A 111 -30.80 -4.89 5.36
N ILE A 112 -30.16 -4.37 4.31
CA ILE A 112 -29.03 -5.04 3.66
C ILE A 112 -27.83 -4.15 3.59
N ALA A 113 -26.68 -4.70 4.03
CA ALA A 113 -25.39 -4.01 3.91
C ALA A 113 -24.43 -4.88 3.14
N SER A 114 -23.46 -4.23 2.51
CA SER A 114 -22.42 -4.94 1.79
C SER A 114 -21.09 -4.56 2.37
N ALA A 116 -17.70 -5.27 0.63
CA ALA A 116 -16.81 -5.70 -0.44
C ALA A 116 -15.53 -4.92 -0.39
N GLY A 117 -14.49 -5.46 -1.03
CA GLY A 117 -13.18 -4.82 -1.07
C GLY A 117 -12.93 -3.93 -2.29
N CYS A 118 -14.00 -3.49 -2.94
CA CYS A 118 -13.90 -2.62 -4.11
C CYS A 118 -15.18 -1.83 -4.22
N LYS A 119 -15.12 -0.66 -4.88
CA LYS A 119 -16.31 0.14 -5.17
C LYS A 119 -17.03 -0.54 -6.31
N ASN A 120 -18.30 -0.23 -6.48
CA ASN A 120 -19.10 -0.81 -7.54
C ASN A 120 -19.10 -2.34 -7.52
N ALA A 121 -19.16 -2.94 -6.31
CA ALA A 121 -19.19 -4.39 -6.19
C ALA A 121 -20.57 -4.86 -6.66
N LEU A 122 -20.63 -6.08 -7.22
CA LEU A 122 -21.90 -6.67 -7.60
C LEU A 122 -22.89 -6.63 -6.45
N ILE A 123 -22.47 -7.03 -5.25
CA ILE A 123 -23.35 -7.03 -4.07
C ILE A 123 -23.88 -5.67 -3.61
N ASP A 124 -23.23 -4.58 -4.04
CA ASP A 124 -23.73 -3.24 -3.71
C ASP A 124 -25.08 -2.86 -4.35
N GLU A 125 -25.42 -3.49 -5.46
N GLU A 125 -25.40 -3.53 -5.45
CA GLU A 125 -26.66 -3.16 -6.17
CA GLU A 125 -26.62 -3.30 -6.24
C GLU A 125 -27.94 -3.51 -5.40
C GLU A 125 -27.93 -3.68 -5.55
N ILE A 126 -27.85 -4.43 -4.46
CA ILE A 126 -29.00 -4.87 -3.63
C ILE A 126 -28.84 -4.43 -2.16
N SER A 127 -27.91 -3.50 -1.93
CA SER A 127 -27.59 -3.03 -0.59
CA SER A 127 -27.57 -3.02 -0.59
C SER A 127 -28.10 -1.61 -0.29
N ASP A 128 -28.55 -1.43 0.95
CA ASP A 128 -29.04 -0.19 1.51
C ASP A 128 -27.88 0.64 2.09
N TYR A 129 -26.86 -0.06 2.58
CA TYR A 129 -25.66 0.52 3.21
C TYR A 129 -24.45 -0.13 2.56
N ILE A 130 -23.76 0.64 1.73
CA ILE A 130 -22.56 0.14 1.05
C ILE A 130 -21.41 0.46 2.00
N LEU A 131 -20.95 -0.55 2.75
CA LEU A 131 -19.94 -0.37 3.77
C LEU A 131 -18.58 -0.94 3.30
N THR A 132 -18.11 -0.38 2.19
CA THR A 132 -16.91 -0.83 1.53
C THR A 132 -15.73 -0.95 2.47
N VAL A 133 -15.05 -2.10 2.37
CA VAL A 133 -13.83 -2.35 3.11
C VAL A 133 -12.78 -1.71 2.19
N ASN A 134 -12.25 -0.59 2.65
CA ASN A 134 -11.36 0.22 1.83
C ASN A 134 -9.91 -0.21 2.01
N CYS A 135 -9.64 -1.45 1.59
CA CYS A 135 -8.32 -2.07 1.70
C CYS A 135 -7.54 -2.00 0.39
N GLY A 136 -8.15 -1.53 -0.70
CA GLY A 136 -7.46 -1.49 -1.98
C GLY A 136 -7.49 -2.84 -2.70
N GLU A 137 -7.05 -2.84 -3.97
CA GLU A 137 -7.00 -4.08 -4.76
C GLU A 137 -6.06 -5.11 -4.15
N GLU A 138 -6.41 -6.36 -4.32
CA GLU A 138 -5.61 -7.47 -3.81
C GLU A 138 -5.75 -8.54 -4.87
N LYS A 139 -4.82 -8.52 -5.83
N LYS A 139 -4.83 -8.57 -5.83
CA LYS A 139 -4.83 -9.47 -6.93
CA LYS A 139 -4.93 -9.47 -6.98
C LYS A 139 -4.00 -10.70 -6.62
C LYS A 139 -4.69 -10.97 -6.75
N SER A 140 -4.34 -11.34 -5.52
CA SER A 140 -3.87 -12.67 -5.19
C SER A 140 -5.07 -13.51 -4.82
N GLY A 141 -5.02 -14.78 -5.19
CA GLY A 141 -6.01 -15.74 -4.76
C GLY A 141 -5.99 -15.93 -3.24
N ALA A 142 -4.82 -15.85 -2.60
CA ALA A 142 -4.72 -16.04 -1.15
C ALA A 142 -4.78 -14.70 -0.42
N LYS A 143 -5.99 -14.23 -0.17
CA LYS A 143 -6.19 -12.91 0.48
C LYS A 143 -5.69 -12.92 1.92
N THR A 144 -5.00 -11.86 2.32
CA THR A 144 -4.48 -11.69 3.68
C THR A 144 -4.94 -10.33 4.20
N LYS A 145 -4.46 -9.28 3.53
CA LYS A 145 -4.84 -7.91 3.76
C LYS A 145 -6.35 -7.75 3.95
N GLY A 146 -7.11 -8.26 2.96
CA GLY A 146 -8.56 -8.19 2.97
C GLY A 146 -9.21 -8.82 4.17
N TYR A 147 -8.60 -9.89 4.69
CA TYR A 147 -9.14 -10.61 5.83
C TYR A 147 -9.07 -9.73 7.05
N TYR A 148 -7.89 -9.18 7.33
CA TYR A 148 -7.70 -8.27 8.45
C TYR A 148 -8.58 -7.02 8.35
N CYS A 149 -8.59 -6.41 7.18
CA CYS A 149 -9.37 -5.19 6.96
C CYS A 149 -10.88 -5.42 7.12
N THR A 150 -11.37 -6.59 6.73
CA THR A 150 -12.79 -6.94 6.86
C THR A 150 -13.20 -7.17 8.31
N LYS A 151 -12.41 -7.93 9.06
CA LYS A 151 -12.63 -8.09 10.48
C LYS A 151 -12.63 -6.70 11.18
N LEU A 152 -11.66 -5.85 10.83
CA LEU A 152 -11.63 -4.50 11.39
C LEU A 152 -12.94 -3.76 11.10
N ASN A 153 -13.37 -3.79 9.85
CA ASN A 153 -14.58 -3.07 9.43
C ASN A 153 -15.83 -3.56 10.21
N LEU A 154 -15.89 -4.87 10.47
CA LEU A 154 -16.97 -5.44 11.25
C LEU A 154 -16.93 -4.93 12.69
N LEU A 156 -15.57 -2.04 13.71
CA LEU A 156 -15.93 -0.61 13.67
C LEU A 156 -17.44 -0.43 13.50
N LEU A 157 -18.09 -1.28 12.68
CA LEU A 157 -19.56 -1.27 12.61
C LEU A 157 -20.13 -1.36 14.03
N GLY A 158 -19.61 -2.30 14.81
CA GLY A 158 -20.07 -2.51 16.18
C GLY A 158 -19.85 -1.31 17.08
N LEU A 159 -18.62 -0.81 17.06
CA LEU A 159 -18.27 0.37 17.89
C LEU A 159 -19.10 1.60 17.53
N GLN A 160 -19.30 1.83 16.23
CA GLN A 160 -20.10 2.97 15.72
C GLN A 160 -21.56 2.89 16.17
N ILE A 161 -22.15 1.72 16.06
CA ILE A 161 -23.50 1.47 16.58
C ILE A 161 -23.50 1.63 18.12
N ALA A 162 -22.57 0.96 18.79
CA ALA A 162 -22.53 1.01 20.26
C ALA A 162 -22.47 2.44 20.78
N ARG A 163 -21.67 3.27 20.13
CA ARG A 163 -21.50 4.66 20.57
C ARG A 163 -22.76 5.45 20.30
N GLU A 164 -23.37 5.26 19.13
CA GLU A 164 -24.59 6.00 18.76
C GLU A 164 -25.78 5.69 19.68
N LYS A 165 -25.94 4.41 20.00
CA LYS A 165 -27.05 3.91 20.82
C LYS A 165 -26.82 4.06 22.33
N GLY A 166 -25.66 4.59 22.72
CA GLY A 166 -25.36 4.84 24.13
C GLY A 166 -24.82 3.70 24.93
N ILE A 167 -24.46 2.60 24.27
CA ILE A 167 -23.92 1.43 24.97
C ILE A 167 -22.55 1.77 25.51
N ILE A 168 -21.77 2.47 24.70
CA ILE A 168 -20.47 2.93 25.12
C ILE A 168 -20.41 4.46 24.95
N SER A 169 -19.65 5.10 25.82
CA SER A 169 -19.42 6.55 25.76
C SER A 169 -18.42 6.87 24.66
N SER A 170 -18.23 8.16 24.38
CA SER A 170 -17.25 8.59 23.39
C SER A 170 -15.84 8.22 23.81
N GLU A 171 -15.58 8.32 25.10
CA GLU A 171 -14.30 7.97 25.63
C GLU A 171 -13.97 6.48 25.52
N LYS A 172 -14.93 5.61 25.85
CA LYS A 172 -14.73 4.17 25.72
C LYS A 172 -14.50 3.81 24.23
N TYR A 173 -15.21 4.47 23.32
CA TYR A 173 -15.02 4.23 21.88
C TYR A 173 -13.56 4.52 21.58
N ASN A 174 -13.07 5.67 22.02
CA ASN A 174 -11.67 6.04 21.79
C ASN A 174 -10.69 5.05 22.44
N GLU A 175 -10.98 4.59 23.65
CA GLU A 175 -10.15 3.60 24.35
CA GLU A 175 -10.12 3.61 24.32
C GLU A 175 -10.02 2.33 23.51
N GLU A 176 -11.12 1.88 22.92
CA GLU A 176 -11.08 0.67 22.08
C GLU A 176 -10.29 0.90 20.81
N ILE A 177 -10.48 2.05 20.15
CA ILE A 177 -9.68 2.38 18.96
C ILE A 177 -8.20 2.35 19.29
N ASN A 178 -7.82 2.94 20.41
CA ASN A 178 -6.42 2.90 20.89
C ASN A 178 -5.86 1.48 21.07
N LYS A 179 -6.68 0.57 21.60
CA LYS A 179 -6.29 -0.82 21.77
C LYS A 179 -6.08 -1.45 20.40
N ILE A 180 -6.98 -1.16 19.45
CA ILE A 180 -6.84 -1.66 18.08
C ILE A 180 -5.51 -1.15 17.48
N LEU A 181 -5.23 0.15 17.62
CA LEU A 181 -3.97 0.74 17.15
C LEU A 181 -2.74 0.08 17.80
N ASP A 182 -2.83 -0.23 19.09
CA ASP A 182 -1.75 -0.97 19.76
C ASP A 182 -1.50 -2.32 19.06
N ALA A 183 -2.57 -3.05 18.67
CA ALA A 183 -2.46 -4.31 17.95
C ALA A 183 -1.82 -4.12 16.57
N ILE A 184 -2.24 -3.10 15.84
CA ILE A 184 -1.71 -2.80 14.51
C ILE A 184 -0.22 -2.48 14.59
N ASN A 185 0.15 -1.72 15.60
CA ASN A 185 1.54 -1.34 15.85
C ASN A 185 2.52 -2.50 16.07
N ARG A 186 2.02 -3.65 16.48
CA ARG A 186 2.83 -4.87 16.71
CA ARG A 186 2.85 -4.84 16.70
C ARG A 186 3.00 -5.73 15.47
N PHE A 187 2.23 -5.45 14.42
CA PHE A 187 2.24 -6.27 13.19
C PHE A 187 3.62 -6.52 12.59
N GLU A 188 4.40 -5.43 12.38
CA GLU A 188 5.72 -5.62 11.74
CA GLU A 188 5.76 -5.51 11.81
C GLU A 188 6.68 -6.44 12.59
N ALA A 189 6.67 -6.26 13.91
CA ALA A 189 7.54 -7.06 14.80
C ALA A 189 7.14 -8.53 14.75
N VAL A 190 5.85 -8.82 14.69
CA VAL A 190 5.35 -10.21 14.58
C VAL A 190 5.78 -10.83 13.23
N TYR A 191 5.68 -10.03 12.18
CA TYR A 191 6.08 -10.41 10.84
C TYR A 191 7.58 -10.77 10.79
N LYS A 192 8.41 -9.93 11.42
CA LYS A 192 9.86 -10.14 11.41
C LYS A 192 10.27 -11.41 12.13
N LEU A 193 9.73 -11.61 13.33
CA LEU A 193 10.01 -12.82 14.10
C LEU A 193 9.47 -14.06 13.35
N SER A 194 8.31 -13.93 12.70
CA SER A 194 7.76 -15.04 11.95
C SER A 194 8.71 -15.45 10.82
N LYS A 195 9.28 -14.47 10.12
CA LYS A 195 10.18 -14.75 8.98
C LYS A 195 11.40 -15.55 9.42
N GLN A 196 11.91 -15.20 10.58
CA GLN A 196 13.08 -15.86 11.19
C GLN A 196 12.78 -17.30 11.60
N TRP A 197 11.61 -17.47 12.21
CA TRP A 197 11.08 -18.77 12.61
C TRP A 197 10.87 -19.67 11.39
N ILE A 198 10.34 -19.10 10.31
CA ILE A 198 10.12 -19.89 9.10
C ILE A 198 11.47 -20.38 8.53
N GLU A 199 12.48 -19.49 8.55
CA GLU A 199 13.82 -19.82 8.06
C GLU A 199 14.46 -20.94 8.89
N ARG A 200 14.30 -20.86 10.20
CA ARG A 200 14.85 -21.85 11.13
C ARG A 200 14.24 -23.25 10.92
N ASN A 201 12.94 -23.27 10.57
CA ASN A 201 12.15 -24.50 10.36
C ASN A 201 11.85 -24.83 8.91
N LYS A 202 12.64 -24.25 8.00
CA LYS A 202 12.41 -24.37 6.56
C LYS A 202 12.31 -25.81 6.10
N GLU A 203 13.24 -26.66 6.54
CA GLU A 203 13.23 -28.04 6.03
C GLU A 203 11.91 -28.76 6.33
N LYS A 204 11.50 -28.74 7.60
CA LYS A 204 10.24 -29.40 7.96
C LYS A 204 9.04 -28.78 7.26
N LEU A 205 8.98 -27.45 7.16
CA LEU A 205 7.84 -26.78 6.52
C LEU A 205 7.71 -27.18 5.05
N VAL A 206 8.84 -27.19 4.36
CA VAL A 206 8.88 -27.59 2.94
C VAL A 206 8.42 -29.04 2.75
N ASN A 207 8.70 -29.89 3.74
CA ASN A 207 8.32 -31.28 3.66
C ASN A 207 6.92 -31.61 4.18
N SER A 208 6.14 -30.59 4.52
CA SER A 208 4.76 -30.77 5.07
C SER A 208 3.92 -31.67 4.15
N LYS A 209 3.31 -32.70 4.75
CA LYS A 209 2.45 -33.65 4.04
C LYS A 209 0.96 -33.44 4.30
N GLU A 210 0.63 -33.11 5.54
CA GLU A 210 -0.74 -32.80 5.95
C GLU A 210 -0.63 -32.03 7.27
N ILE A 211 -1.46 -31.01 7.43
CA ILE A 211 -1.36 -30.09 8.57
C ILE A 211 -2.68 -29.96 9.31
N ARG A 212 -2.58 -29.83 10.62
CA ARG A 212 -3.75 -29.49 11.44
C ARG A 212 -3.36 -28.32 12.33
N ILE A 213 -4.28 -27.41 12.56
CA ILE A 213 -4.06 -26.23 13.41
C ILE A 213 -5.01 -26.36 14.59
N ILE A 214 -4.50 -26.13 15.81
CA ILE A 214 -5.30 -26.22 17.04
C ILE A 214 -5.28 -24.84 17.69
N GLY A 215 -6.45 -24.23 17.83
CA GLY A 215 -6.58 -22.92 18.44
C GLY A 215 -7.52 -22.85 19.61
N HIS A 216 -7.47 -21.72 20.29
CA HIS A 216 -8.39 -21.41 21.38
C HIS A 216 -9.72 -20.89 20.77
N SER A 217 -10.83 -21.08 21.48
CA SER A 217 -12.13 -20.56 21.02
C SER A 217 -12.11 -19.06 20.66
N ASP A 218 -11.30 -18.26 21.38
CA ASP A 218 -11.19 -16.83 21.10
C ASP A 218 -10.63 -16.52 19.70
N ILE A 219 -9.91 -17.47 19.09
CA ILE A 219 -9.38 -17.31 17.73
C ILE A 219 -9.84 -18.43 16.79
N TYR A 220 -11.04 -18.93 17.03
CA TYR A 220 -11.56 -20.02 16.19
C TYR A 220 -11.65 -19.62 14.72
N GLY A 221 -12.23 -18.45 14.43
CA GLY A 221 -12.31 -18.00 13.02
C GLY A 221 -10.96 -17.91 12.32
N ASP A 222 -9.98 -17.33 13.04
CA ASP A 222 -8.59 -17.23 12.54
C ASP A 222 -7.96 -18.62 12.33
N THR A 223 -8.32 -19.57 13.19
CA THR A 223 -7.84 -20.95 13.09
C THR A 223 -8.37 -21.55 11.76
N LEU A 224 -9.66 -21.36 11.49
CA LEU A 224 -10.23 -21.83 10.22
C LEU A 224 -9.60 -21.18 8.99
N GLU A 225 -9.32 -19.88 9.09
CA GLU A 225 -8.74 -19.10 7.98
C GLU A 225 -7.30 -19.50 7.71
N ALA A 226 -6.53 -19.71 8.78
CA ALA A 226 -5.14 -20.20 8.66
C ALA A 226 -5.13 -21.52 7.90
N ALA A 227 -6.07 -22.39 8.23
CA ALA A 227 -6.19 -23.71 7.62
C ALA A 227 -6.53 -23.61 6.17
N LEU A 228 -7.55 -22.80 5.83
CA LEU A 228 -7.95 -22.64 4.43
C LEU A 228 -6.82 -22.07 3.58
N LYS A 229 -6.11 -21.06 4.09
CA LYS A 229 -5.04 -20.44 3.30
C LYS A 229 -3.86 -21.41 3.10
N LEU A 230 -3.50 -22.18 4.13
CA LEU A 230 -2.47 -23.20 3.94
C LEU A 230 -2.93 -24.25 2.89
N LEU A 231 -4.18 -24.68 3.00
CA LEU A 231 -4.73 -25.63 2.02
C LEU A 231 -4.57 -25.13 0.56
N GLU A 232 -4.99 -23.89 0.32
CA GLU A 232 -4.98 -23.29 -1.00
C GLU A 232 -3.58 -23.11 -1.56
N THR A 233 -2.59 -22.93 -0.70
CA THR A 233 -1.22 -22.63 -1.13
C THR A 233 -0.25 -23.81 -0.99
N ARG A 235 -1.47 -26.94 -0.78
CA ARG A 235 -2.17 -27.94 -1.63
C ARG A 235 -2.03 -29.37 -1.14
N ILE A 236 -2.36 -29.50 0.13
CA ILE A 236 -2.34 -30.72 0.87
C ILE A 236 -3.50 -30.59 1.86
N PRO A 237 -3.85 -31.70 2.53
CA PRO A 237 -4.92 -31.59 3.54
C PRO A 237 -4.53 -30.70 4.70
N VAL A 238 -5.42 -29.78 5.06
CA VAL A 238 -5.23 -28.88 6.18
C VAL A 238 -6.56 -28.60 6.83
N THR A 239 -6.65 -28.82 8.14
CA THR A 239 -7.87 -28.54 8.90
C THR A 239 -7.53 -27.83 10.19
N GLY A 240 -8.41 -26.89 10.54
CA GLY A 240 -8.38 -26.12 11.76
C GLY A 240 -9.40 -26.64 12.78
N TYR A 241 -9.02 -26.66 14.06
CA TYR A 241 -9.88 -27.14 15.13
C TYR A 241 -9.75 -26.31 16.38
N GLU A 242 -10.85 -26.24 17.17
CA GLU A 242 -10.78 -25.66 18.50
C GLU A 242 -10.20 -26.79 19.40
N PHE A 243 -9.46 -26.39 20.42
CA PHE A 243 -8.72 -27.31 21.31
C PHE A 243 -9.57 -28.43 21.91
N GLU A 244 -10.66 -28.06 22.56
CA GLU A 244 -11.56 -29.07 23.14
C GLU A 244 -12.15 -30.00 22.11
N GLU A 245 -12.51 -29.50 20.93
CA GLU A 245 -13.05 -30.36 19.87
C GLU A 245 -12.00 -31.32 19.31
N PHE A 246 -10.74 -30.88 19.25
CA PHE A 246 -9.67 -31.77 18.85
C PHE A 246 -9.57 -32.98 19.75
N ILE A 247 -9.82 -32.77 21.05
CA ILE A 247 -9.78 -33.85 22.02
C ILE A 247 -10.84 -34.93 21.75
N HIS A 248 -11.94 -34.52 21.12
CA HIS A 248 -13.05 -35.42 20.72
C HIS A 248 -12.82 -36.17 19.41
N GLY A 249 -11.79 -37.02 19.42
CA GLY A 249 -11.51 -37.95 18.33
C GLY A 249 -10.44 -37.63 17.32
N ILE A 250 -10.03 -36.37 17.19
CA ILE A 250 -9.09 -36.02 16.13
C ILE A 250 -7.71 -36.63 16.33
N TYR A 251 -7.28 -36.79 17.59
CA TYR A 251 -5.97 -37.40 17.93
C TYR A 251 -5.75 -38.77 17.29
N ASN A 252 -6.86 -39.49 17.02
CA ASN A 252 -6.80 -40.80 16.38
C ASN A 252 -6.06 -40.81 15.06
N ALA A 253 -6.10 -39.72 14.31
CA ALA A 253 -5.48 -39.67 12.99
C ALA A 253 -4.05 -39.13 12.95
N ILE A 254 -3.45 -38.86 14.12
CA ILE A 254 -2.10 -38.29 14.18
C ILE A 254 -1.06 -39.35 14.01
N ASN A 255 -0.13 -39.12 13.10
CA ASN A 255 0.99 -40.03 12.92
C ASN A 255 2.29 -39.23 12.67
N SER A 256 3.36 -39.95 12.40
CA SER A 256 4.70 -39.34 12.23
C SER A 256 4.79 -38.40 11.03
N ASP A 257 3.85 -38.51 10.08
CA ASP A 257 3.82 -37.61 8.96
C ASP A 257 2.93 -36.39 9.19
N SER A 258 2.32 -36.26 10.37
CA SER A 258 1.44 -35.17 10.68
C SER A 258 2.23 -33.89 11.08
N THR A 259 1.77 -32.74 10.61
CA THR A 259 2.31 -31.46 11.06
C THR A 259 1.21 -30.81 11.86
N ILE A 260 1.54 -30.23 13.01
CA ILE A 260 0.55 -29.59 13.88
CA ILE A 260 0.55 -29.59 13.86
C ILE A 260 1.04 -28.21 14.29
N PHE A 261 0.20 -27.19 14.06
CA PHE A 261 0.46 -25.84 14.57
C PHE A 261 -0.48 -25.63 15.78
N ILE A 262 0.07 -25.23 16.93
CA ILE A 262 -0.73 -24.92 18.13
C ILE A 262 -0.67 -23.41 18.36
N LEU A 263 -1.83 -22.77 18.27
CA LEU A 263 -2.00 -21.34 18.52
C LEU A 263 -2.37 -21.16 20.00
N ASP A 264 -1.34 -20.90 20.80
CA ASP A 264 -1.46 -20.83 22.27
C ASP A 264 -1.75 -19.42 22.75
N THR A 265 -2.99 -19.19 23.20
CA THR A 265 -3.39 -17.87 23.65
C THR A 265 -3.11 -17.66 25.14
N GLY A 266 -2.64 -18.72 25.81
CA GLY A 266 -2.34 -18.68 27.23
C GLY A 266 -3.52 -18.94 28.14
N LYS A 267 -4.69 -19.23 27.60
CA LYS A 267 -5.89 -19.47 28.40
C LYS A 267 -6.18 -20.93 28.67
N GLU A 268 -5.38 -21.83 28.11
CA GLU A 268 -5.58 -23.26 28.21
C GLU A 268 -4.41 -23.93 28.95
N PRO A 269 -4.62 -24.34 30.22
CA PRO A 269 -3.54 -24.96 30.99
C PRO A 269 -3.13 -26.34 30.49
N ARG A 270 -3.97 -26.99 29.69
CA ARG A 270 -3.61 -28.29 29.14
C ARG A 270 -2.75 -28.22 27.86
N VAL A 271 -2.36 -27.03 27.39
CA VAL A 271 -1.58 -26.94 26.14
C VAL A 271 -0.26 -27.70 26.24
N THR A 272 0.44 -27.54 27.36
CA THR A 272 1.71 -28.25 27.56
C THR A 272 1.56 -29.76 27.46
N LYS A 273 0.53 -30.31 28.12
CA LYS A 273 0.25 -31.75 28.02
C LYS A 273 -0.05 -32.15 26.59
N ILE A 275 0.94 -30.64 23.72
CA ILE A 275 2.23 -30.58 23.00
C ILE A 275 3.05 -31.86 23.27
N ASP A 276 3.12 -32.29 24.54
CA ASP A 276 3.85 -33.51 24.90
C ASP A 276 3.32 -34.76 24.25
N VAL A 277 2.01 -34.96 24.34
CA VAL A 277 1.41 -36.17 23.77
C VAL A 277 1.59 -36.20 22.25
N LEU A 278 1.36 -35.08 21.60
CA LEU A 278 1.51 -34.99 20.15
C LEU A 278 2.97 -35.16 19.74
N SER A 279 3.89 -34.58 20.51
CA SER A 279 5.33 -34.69 20.25
C SER A 279 5.83 -36.11 20.36
N GLY A 280 5.11 -36.93 21.12
CA GLY A 280 5.37 -38.33 21.20
C GLY A 280 5.06 -39.06 19.91
N TRP A 281 4.15 -38.50 19.09
CA TRP A 281 3.76 -39.13 17.83
C TRP A 281 4.39 -38.53 16.59
N THR A 282 4.69 -37.23 16.64
CA THR A 282 5.32 -36.56 15.48
C THR A 282 6.35 -35.55 15.93
N GLU A 283 7.36 -35.38 15.11
CA GLU A 283 8.39 -34.40 15.37
C GLU A 283 7.98 -33.04 14.85
N ASN A 284 6.84 -32.94 14.16
CA ASN A 284 6.42 -31.71 13.50
C ASN A 284 5.34 -30.94 14.26
N VAL A 285 5.60 -30.66 15.53
CA VAL A 285 4.67 -29.86 16.35
C VAL A 285 5.33 -28.49 16.56
N PHE A 286 4.63 -27.43 16.19
CA PHE A 286 5.11 -26.05 16.30
C PHE A 286 4.14 -25.21 17.11
N ALA A 287 4.59 -24.59 18.21
CA ALA A 287 3.69 -23.80 19.07
C ALA A 287 3.98 -22.31 18.89
N ILE A 288 2.91 -21.52 18.82
CA ILE A 288 2.95 -20.06 18.57
C ILE A 288 2.17 -19.36 19.64
N GLY A 289 2.79 -18.36 20.27
CA GLY A 289 2.14 -17.59 21.32
C GLY A 289 3.09 -16.71 22.13
N ARG A 290 2.54 -16.00 23.13
CA ARG A 290 3.28 -15.03 23.94
C ARG A 290 4.25 -15.67 24.93
N ASP A 291 3.90 -16.86 25.39
CA ASP A 291 4.63 -17.55 26.44
C ASP A 291 5.01 -19.00 26.14
N VAL A 292 5.13 -19.34 24.85
CA VAL A 292 5.53 -20.70 24.48
C VAL A 292 6.97 -20.95 24.92
N THR A 293 7.34 -22.21 25.10
CA THR A 293 8.70 -22.57 25.46
C THR A 293 9.57 -22.25 24.26
N GLU A 294 10.65 -21.52 24.51
CA GLU A 294 11.54 -21.11 23.43
C GLU A 294 12.44 -22.26 23.08
N ASN A 295 12.29 -22.70 21.85
CA ASN A 295 13.11 -23.73 21.23
C ASN A 295 12.95 -23.55 19.73
N ASP A 296 13.67 -24.29 18.91
CA ASP A 296 13.67 -24.01 17.49
C ASP A 296 12.30 -24.05 16.83
N LYS A 297 11.47 -25.03 17.19
CA LYS A 297 10.14 -25.19 16.55
C LYS A 297 9.08 -24.17 16.96
N ASN A 298 9.31 -23.48 18.08
CA ASN A 298 8.31 -22.54 18.62
C ASN A 298 8.59 -21.09 18.28
N LEU A 299 7.49 -20.32 18.17
CA LEU A 299 7.53 -18.90 17.85
C LEU A 299 6.92 -18.10 18.99
N LYS A 300 7.75 -17.35 19.70
CA LYS A 300 7.30 -16.53 20.82
C LYS A 300 7.12 -15.12 20.32
N ILE A 301 5.89 -14.67 20.27
CA ILE A 301 5.53 -13.34 19.75
C ILE A 301 4.73 -12.58 20.78
N ASP A 302 5.10 -11.32 20.98
CA ASP A 302 4.45 -10.47 21.95
C ASP A 302 3.12 -9.94 21.37
N ILE A 303 2.11 -10.81 21.35
CA ILE A 303 0.78 -10.50 20.80
C ILE A 303 0.10 -9.66 21.88
N THR A 304 -0.72 -8.69 21.48
CA THR A 304 -1.50 -7.91 22.45
C THR A 304 -2.24 -8.90 23.32
N ASP A 305 -2.38 -8.70 24.61
CA ASP A 305 -3.11 -9.72 25.44
C ASP A 305 -4.66 -9.65 25.40
N ASN A 306 -5.18 -8.62 24.75
CA ASN A 306 -6.63 -8.50 24.57
C ASN A 306 -7.12 -9.71 23.76
N PRO A 307 -8.13 -10.43 24.26
CA PRO A 307 -8.63 -11.65 23.59
C PRO A 307 -9.38 -11.42 22.29
N TYR A 308 -9.74 -10.16 22.01
CA TYR A 308 -10.41 -9.83 20.77
C TYR A 308 -9.40 -9.32 19.75
N TYR A 309 -8.59 -8.35 20.16
CA TYR A 309 -7.65 -7.68 19.25
C TYR A 309 -6.39 -8.47 18.92
N GLN A 310 -6.12 -9.56 19.66
CA GLN A 310 -5.09 -10.52 19.28
C GLN A 310 -5.33 -11.05 17.82
N THR A 311 -6.57 -10.96 17.32
CA THR A 311 -6.90 -11.35 15.92
C THR A 311 -6.07 -10.60 14.87
N PHE A 312 -5.52 -9.45 15.22
CA PHE A 312 -4.73 -8.69 14.30
C PHE A 312 -3.25 -9.06 14.27
N ASN A 313 -2.84 -10.04 15.07
CA ASN A 313 -1.43 -10.49 15.09
C ASN A 313 -1.22 -12.00 14.97
N PHE A 314 -2.18 -12.80 15.44
CA PHE A 314 -1.91 -14.22 15.69
C PHE A 314 -1.53 -15.09 14.49
N ILE A 315 -2.26 -14.96 13.38
CA ILE A 315 -2.00 -15.83 12.24
C ILE A 315 -1.03 -15.24 11.19
N VAL A 316 -0.46 -14.06 11.43
CA VAL A 316 0.59 -13.53 10.56
C VAL A 316 1.64 -14.61 10.25
N PRO A 317 2.18 -15.33 11.26
CA PRO A 317 3.16 -16.41 10.91
C PRO A 317 2.69 -17.46 9.91
N ILE A 318 1.42 -17.86 10.03
CA ILE A 318 0.86 -18.87 9.14
C ILE A 318 0.67 -18.28 7.71
N GLN A 319 0.17 -17.05 7.65
CA GLN A 319 0.03 -16.37 6.38
C GLN A 319 1.40 -16.16 5.69
N LEU A 320 2.45 -15.91 6.47
CA LEU A 320 3.78 -15.78 5.86
C LEU A 320 4.28 -17.12 5.31
N ILE A 321 3.96 -18.24 5.99
CA ILE A 321 4.26 -19.56 5.46
C ILE A 321 3.63 -19.71 4.08
N CYS A 322 2.36 -19.31 3.95
CA CYS A 322 1.63 -19.35 2.63
C CYS A 322 2.34 -18.54 1.54
N GLY A 323 2.94 -17.42 1.91
CA GLY A 323 3.71 -16.64 0.93
C GLY A 323 5.09 -17.19 0.58
N GLU A 324 5.81 -17.77 1.56
CA GLU A 324 7.18 -18.23 1.34
C GLU A 324 7.41 -19.69 0.97
N ILE A 325 6.76 -20.61 1.68
CA ILE A 325 7.06 -22.05 1.50
C ILE A 325 6.57 -22.70 0.18
N PRO A 326 5.36 -22.37 -0.31
CA PRO A 326 4.90 -22.94 -1.60
C PRO A 326 5.85 -22.71 -2.75
N THR A 327 6.59 -21.60 -2.72
CA THR A 327 7.55 -21.29 -3.78
C THR A 327 8.71 -22.30 -3.73
N LEU A 328 8.94 -22.93 -2.59
CA LEU A 328 9.92 -24.04 -2.46
C LEU A 328 9.33 -25.43 -2.75
N ARG A 329 8.02 -25.48 -3.00
CA ARG A 329 7.30 -26.69 -3.36
C ARG A 329 6.69 -26.56 -4.77
N GLY A 330 7.34 -25.79 -5.66
CA GLY A 330 6.89 -25.63 -7.05
C GLY A 330 5.54 -24.95 -7.30
N VAL A 331 5.14 -24.04 -6.41
CA VAL A 331 3.86 -23.33 -6.52
C VAL A 331 4.01 -21.81 -6.32
N ASP A 332 3.29 -21.07 -7.16
CA ASP A 332 3.15 -19.62 -7.03
C ASP A 332 1.88 -19.51 -6.20
N PRO A 333 2.00 -19.17 -4.90
CA PRO A 333 0.82 -19.20 -4.04
C PRO A 333 -0.30 -18.20 -4.36
N SER A 334 -0.05 -17.21 -5.20
CA SER A 334 -1.09 -16.27 -5.60
C SER A 334 -1.93 -16.66 -6.84
N VAL A 335 -1.55 -17.77 -7.48
CA VAL A 335 -2.21 -18.27 -8.70
C VAL A 335 -2.85 -19.63 -8.43
N PRO A 336 -4.17 -19.80 -8.69
CA PRO A 336 -4.80 -21.11 -8.37
C PRO A 336 -4.38 -22.26 -9.28
N LYS A 337 -4.58 -23.48 -8.77
CA LYS A 337 -4.34 -24.74 -9.49
C LYS A 337 -4.92 -24.75 -10.89
N ASP A 338 -6.14 -24.24 -10.99
CA ASP A 338 -6.87 -24.19 -12.23
C ASP A 338 -7.59 -22.84 -12.26
N THR A 339 -7.13 -21.97 -13.16
CA THR A 339 -7.71 -20.66 -13.34
C THR A 339 -9.13 -20.72 -13.95
N ARG A 340 -9.42 -21.83 -14.66
CA ARG A 340 -10.71 -22.08 -15.30
C ARG A 340 -11.69 -22.93 -14.48
N PHE A 341 -11.35 -23.24 -13.23
CA PHE A 341 -12.20 -24.11 -12.40
C PHE A 341 -13.63 -23.58 -12.24
N HIS A 342 -13.73 -22.31 -11.87
CA HIS A 342 -15.03 -21.66 -11.66
C HIS A 342 -15.81 -21.60 -12.99
N LYS A 344 -15.52 -23.65 -15.40
CA LYS A 344 -15.93 -25.04 -15.67
C LYS A 344 -17.18 -25.49 -14.89
N LEU A 345 -17.34 -25.00 -13.66
CA LEU A 345 -18.50 -25.35 -12.83
C LEU A 345 -19.74 -24.56 -13.25
N GLY B 1 26.65 1.47 4.70
CA GLY B 1 26.89 2.07 3.34
C GLY B 1 25.69 1.82 2.43
N THR B 3 23.12 2.08 -0.57
CA THR B 3 23.17 2.28 -2.01
C THR B 3 21.85 2.89 -2.50
N ILE B 4 21.85 3.30 -3.77
CA ILE B 4 20.66 3.77 -4.43
C ILE B 4 19.54 2.71 -4.28
N GLN B 5 19.89 1.43 -4.48
CA GLN B 5 18.89 0.35 -4.40
C GLN B 5 18.28 0.25 -3.00
N ASP B 6 19.12 0.41 -1.96
CA ASP B 6 18.65 0.41 -0.57
C ASP B 6 17.61 1.50 -0.35
N TYR B 7 17.93 2.71 -0.81
CA TYR B 7 17.03 3.84 -0.67
C TYR B 7 15.77 3.66 -1.50
N LEU B 9 14.34 0.69 -2.33
CA LEU B 9 13.58 -0.34 -1.61
C LEU B 9 12.92 0.16 -0.29
N GLU B 10 13.53 1.17 0.36
CA GLU B 10 12.96 1.81 1.57
C GLU B 10 11.74 2.70 1.28
N THR B 11 11.62 3.14 0.03
CA THR B 11 10.64 4.13 -0.39
C THR B 11 9.16 3.80 -0.03
N PRO B 12 8.63 2.59 -0.40
CA PRO B 12 7.26 2.33 0.04
C PRO B 12 6.98 2.46 1.57
N VAL B 13 7.89 2.01 2.42
CA VAL B 13 7.69 2.09 3.90
C VAL B 13 7.59 3.57 4.34
N ARG B 14 8.49 4.39 3.82
CA ARG B 14 8.50 5.82 4.14
CA ARG B 14 8.51 5.82 4.16
C ARG B 14 7.26 6.52 3.62
N ARG B 16 4.22 5.31 3.10
CA ARG B 16 3.09 4.92 3.96
C ARG B 16 3.11 5.67 5.30
N GLU B 17 4.29 5.90 5.85
CA GLU B 17 4.44 6.68 7.09
C GLU B 17 4.03 8.14 6.92
N ILE B 18 4.41 8.70 5.78
CA ILE B 18 4.07 10.04 5.42
C ILE B 18 2.56 10.21 5.27
N ILE B 19 1.92 9.27 4.60
CA ILE B 19 0.46 9.25 4.44
C ILE B 19 -0.23 9.23 5.83
N SER B 20 0.20 8.34 6.73
CA SER B 20 -0.37 8.27 8.08
C SER B 20 -0.13 9.52 8.93
N ASN B 21 0.93 10.29 8.65
CA ASN B 21 1.24 11.51 9.40
C ASN B 21 0.69 12.77 8.77
N ALA B 22 -0.06 12.64 7.67
CA ALA B 22 -0.52 13.81 6.89
C ALA B 22 -1.49 14.70 7.65
N ASP B 23 -2.42 14.11 8.39
CA ASP B 23 -3.38 14.92 9.18
C ASP B 23 -2.64 15.82 10.18
N SER B 24 -1.56 15.33 10.76
CA SER B 24 -0.76 16.12 11.71
C SER B 24 0.08 17.16 10.98
N LEU B 25 0.83 16.73 9.97
CA LEU B 25 1.75 17.60 9.26
C LEU B 25 1.09 18.81 8.58
N PHE B 26 -0.05 18.60 7.93
CA PHE B 26 -0.72 19.64 7.16
C PHE B 26 -1.89 20.34 7.90
N ASN B 27 -2.02 20.09 9.19
CA ASN B 27 -3.16 20.62 9.93
C ASN B 27 -3.28 22.14 9.95
N GLU B 28 -2.14 22.83 9.98
CA GLU B 28 -2.10 24.30 10.06
CA GLU B 28 -2.10 24.29 10.04
C GLU B 28 -2.15 24.92 8.66
N VAL B 29 -1.27 24.47 7.76
CA VAL B 29 -1.23 25.05 6.42
C VAL B 29 -2.58 24.92 5.67
N LYS B 30 -3.34 23.86 5.91
CA LYS B 30 -4.62 23.64 5.20
C LYS B 30 -5.65 24.72 5.56
N ARG B 31 -5.47 25.31 6.75
CA ARG B 31 -6.34 26.31 7.29
C ARG B 31 -6.07 27.75 6.78
N THR B 32 -4.93 28.00 6.13
CA THR B 32 -4.62 29.35 5.60
C THR B 32 -5.53 29.74 4.43
N ASN B 33 -5.54 31.04 4.14
CA ASN B 33 -6.29 31.57 3.00
C ASN B 33 -5.38 31.68 1.79
N LEU B 34 -5.60 30.83 0.78
CA LEU B 34 -4.75 30.77 -0.42
C LEU B 34 -5.49 31.02 -1.74
N LYS B 35 -4.91 31.89 -2.56
CA LYS B 35 -5.40 32.20 -3.91
C LYS B 35 -4.38 31.75 -5.00
N LYS B 36 -3.15 31.44 -4.60
CA LYS B 36 -2.13 30.96 -5.53
C LYS B 36 -1.08 30.15 -4.79
N ILE B 37 -0.56 29.11 -5.45
CA ILE B 37 0.55 28.33 -4.95
C ILE B 37 1.66 28.35 -6.02
N ILE B 38 2.87 28.69 -5.60
CA ILE B 38 4.06 28.62 -6.42
C ILE B 38 4.95 27.56 -5.75
N ILE B 39 5.38 26.57 -6.54
CA ILE B 39 6.30 25.55 -6.06
C ILE B 39 7.64 25.85 -6.71
N THR B 40 8.70 25.99 -5.92
CA THR B 40 10.02 26.29 -6.48
C THR B 40 11.14 25.51 -5.81
N GLY B 41 12.12 25.14 -6.63
CA GLY B 41 13.34 24.43 -6.21
C GLY B 41 14.26 24.18 -7.39
N SER B 42 15.45 23.62 -7.13
CA SER B 42 16.43 23.33 -8.17
C SER B 42 16.47 21.83 -8.49
N GLY B 43 16.99 21.49 -9.66
CA GLY B 43 17.15 20.09 -10.07
C GLY B 43 15.99 19.16 -9.76
N THR B 44 16.26 18.07 -9.02
CA THR B 44 15.24 17.10 -8.62
C THR B 44 14.05 17.70 -7.86
N SER B 45 14.31 18.74 -7.07
CA SER B 45 13.23 19.45 -6.37
C SER B 45 12.35 20.16 -7.40
N TYR B 46 12.98 20.82 -8.38
CA TYR B 46 12.22 21.41 -9.49
C TYR B 46 11.36 20.36 -10.16
N HIS B 47 11.94 19.19 -10.44
CA HIS B 47 11.20 18.12 -11.14
C HIS B 47 9.99 17.63 -10.37
N SER B 48 10.08 17.60 -9.04
CA SER B 48 8.94 17.18 -8.22
C SER B 48 7.77 18.14 -8.48
N GLY B 49 8.06 19.45 -8.56
CA GLY B 49 7.06 20.46 -8.90
C GLY B 49 6.52 20.31 -10.33
N VAL B 50 7.40 20.08 -11.29
CA VAL B 50 6.98 19.87 -12.67
C VAL B 50 6.00 18.69 -12.73
N GLN B 51 6.34 17.60 -12.05
CA GLN B 51 5.55 16.40 -12.12
C GLN B 51 4.18 16.50 -11.48
N VAL B 52 4.12 17.11 -10.29
CA VAL B 52 2.86 17.17 -9.50
C VAL B 52 1.99 18.39 -9.80
N GLN B 53 2.57 19.46 -10.34
CA GLN B 53 1.76 20.64 -10.67
C GLN B 53 0.47 20.33 -11.44
N PRO B 54 0.52 19.47 -12.49
CA PRO B 54 -0.75 19.20 -13.16
C PRO B 54 -1.81 18.62 -12.22
N TYR B 55 -1.42 17.63 -11.41
CA TYR B 55 -2.36 17.03 -10.46
C TYR B 55 -2.98 18.07 -9.59
N LEU B 56 -2.14 18.98 -9.08
CA LEU B 56 -2.59 20.00 -8.19
C LEU B 56 -3.50 21.00 -8.86
N GLN B 57 -3.15 21.37 -10.10
CA GLN B 57 -3.97 22.30 -10.88
C GLN B 57 -5.37 21.69 -11.11
N ASN B 58 -5.42 20.39 -11.36
CA ASN B 58 -6.67 19.67 -11.52
C ASN B 58 -7.46 19.60 -10.20
N LEU B 59 -6.78 19.34 -9.08
CA LEU B 59 -7.44 19.17 -7.77
C LEU B 59 -7.97 20.47 -7.17
N LEU B 60 -7.13 21.50 -7.13
CA LEU B 60 -7.46 22.76 -6.46
C LEU B 60 -8.17 23.81 -7.36
N ASP B 61 -8.63 24.86 -6.68
CA ASP B 61 -9.33 26.03 -7.27
C ASP B 61 -8.51 27.30 -7.31
N ILE B 62 -7.21 27.18 -7.19
CA ILE B 62 -6.33 28.32 -7.19
C ILE B 62 -5.24 27.94 -8.18
N ASP B 63 -4.62 28.93 -8.80
CA ASP B 63 -3.51 28.63 -9.69
C ASP B 63 -2.38 28.00 -8.92
N VAL B 64 -1.82 26.94 -9.50
CA VAL B 64 -0.67 26.25 -8.99
C VAL B 64 0.33 26.31 -10.12
N VAL B 65 1.48 26.89 -9.85
CA VAL B 65 2.50 27.00 -10.88
C VAL B 65 3.81 26.57 -10.27
N LYS B 66 4.72 26.12 -11.13
CA LYS B 66 6.04 25.75 -10.67
C LYS B 66 7.03 26.63 -11.39
N TYR B 68 11.53 27.60 -11.67
CA TYR B 68 12.92 27.54 -11.26
C TYR B 68 13.17 28.77 -10.37
N PRO B 69 14.05 28.65 -9.37
CA PRO B 69 14.31 29.83 -8.52
C PRO B 69 14.81 31.07 -9.31
N PHE B 70 15.64 30.88 -10.35
CA PHE B 70 16.11 32.03 -11.17
C PHE B 70 14.99 32.82 -11.84
N ILE B 72 12.11 33.51 -10.34
CA ILE B 72 11.42 34.26 -9.30
C ILE B 72 12.07 35.64 -9.17
N THR B 73 11.28 36.70 -9.35
CA THR B 73 11.79 38.09 -9.30
C THR B 73 10.69 38.99 -8.75
N GLU B 74 11.03 40.27 -8.56
CA GLU B 74 10.06 41.24 -8.06
C GLU B 74 8.82 41.34 -8.96
N ASP B 75 8.96 41.06 -10.26
CA ASP B 75 7.83 41.10 -11.20
C ASP B 75 6.82 39.96 -11.02
N THR B 76 7.22 38.91 -10.30
CA THR B 76 6.35 37.78 -9.98
C THR B 76 5.21 38.18 -9.02
N PHE B 77 5.36 39.28 -8.28
CA PHE B 77 4.40 39.73 -7.26
C PHE B 77 3.86 41.21 -7.36
N LYS B 78 3.44 41.65 -8.55
CA LYS B 78 2.99 43.03 -8.77
C LYS B 78 1.71 43.49 -8.05
N PHE B 79 0.75 42.59 -7.82
CA PHE B 79 -0.54 42.94 -7.16
C PHE B 79 -0.65 42.19 -5.81
N ASP B 80 -1.83 42.22 -5.18
CA ASP B 80 -2.02 41.63 -3.85
C ASP B 80 -1.62 40.15 -3.81
N ASN B 81 -0.50 39.86 -3.13
CA ASN B 81 -0.04 38.46 -2.93
C ASN B 81 -0.20 37.87 -1.51
N GLU B 82 -1.03 38.51 -0.70
CA GLU B 82 -1.31 38.04 0.67
C GLU B 82 -1.77 36.59 0.70
N ASN B 83 -2.52 36.19 -0.34
CA ASN B 83 -3.05 34.84 -0.46
C ASN B 83 -2.19 33.90 -1.35
N THR B 84 -0.92 34.22 -1.57
CA THR B 84 0.00 33.40 -2.35
C THR B 84 0.96 32.66 -1.43
N LEU B 85 0.98 31.33 -1.53
CA LEU B 85 1.89 30.48 -0.77
C LEU B 85 3.05 30.02 -1.67
N VAL B 86 4.28 30.36 -1.28
CA VAL B 86 5.46 29.87 -2.01
C VAL B 86 5.97 28.64 -1.25
N VAL B 87 5.96 27.51 -1.94
CA VAL B 87 6.47 26.27 -1.37
C VAL B 87 7.88 26.06 -1.91
N GLY B 88 8.88 26.27 -1.04
CA GLY B 88 10.27 26.01 -1.35
C GLY B 88 10.57 24.54 -1.11
N VAL B 89 11.13 23.86 -2.10
CA VAL B 89 11.48 22.44 -2.06
C VAL B 89 13.00 22.27 -2.17
N SER B 90 13.63 21.60 -1.20
CA SER B 90 15.06 21.32 -1.22
C SER B 90 15.33 20.13 -0.32
N GLN B 91 15.71 18.96 -0.88
CA GLN B 91 15.90 17.79 -0.01
C GLN B 91 16.95 18.00 1.08
N GLY B 92 18.11 18.55 0.71
CA GLY B 92 19.13 18.86 1.69
C GLY B 92 18.75 20.07 2.53
N GLY B 93 17.81 20.87 2.02
CA GLY B 93 17.24 22.02 2.75
C GLY B 93 18.07 23.29 2.75
N SER B 94 19.15 23.32 1.97
CA SER B 94 20.04 24.47 1.98
C SER B 94 20.45 25.01 0.61
N SER B 95 19.60 24.85 -0.41
CA SER B 95 19.90 25.44 -1.72
C SER B 95 19.64 26.96 -1.66
N TYR B 96 20.70 27.72 -1.93
CA TYR B 96 20.67 29.20 -1.89
C TYR B 96 19.70 29.77 -2.91
N SER B 97 19.70 29.17 -4.10
CA SER B 97 18.78 29.52 -5.16
C SER B 97 17.35 29.51 -4.61
N THR B 98 16.97 28.39 -4.00
CA THR B 98 15.65 28.19 -3.41
C THR B 98 15.42 29.12 -2.21
N TYR B 99 16.39 29.16 -1.29
CA TYR B 99 16.31 30.06 -0.14
C TYR B 99 16.06 31.51 -0.54
N ASN B 100 16.80 31.98 -1.56
CA ASN B 100 16.68 33.36 -2.04
C ASN B 100 15.33 33.69 -2.66
N ALA B 101 14.76 32.73 -3.40
CA ALA B 101 13.46 32.91 -4.02
C ALA B 101 12.37 33.04 -2.97
N LYS B 103 12.75 34.07 0.12
CA LYS B 103 13.03 35.32 0.82
C LYS B 103 12.43 36.56 0.15
N LEU B 104 12.49 36.61 -1.17
CA LEU B 104 11.90 37.68 -1.95
C LEU B 104 10.37 37.58 -1.92
N ALA B 105 9.85 36.37 -2.02
CA ALA B 105 8.40 36.13 -1.97
C ALA B 105 7.77 36.67 -0.70
N GLU B 106 8.40 36.42 0.43
CA GLU B 106 7.85 36.86 1.69
C GLU B 106 7.93 38.38 1.84
N ASP B 107 8.98 38.97 1.28
CA ASP B 107 9.11 40.42 1.25
C ASP B 107 7.91 41.05 0.56
N LYS B 108 7.35 40.39 -0.44
CA LYS B 108 6.16 40.88 -1.15
C LYS B 108 4.83 40.45 -0.50
N GLY B 109 4.88 39.91 0.72
CA GLY B 109 3.67 39.50 1.44
C GLY B 109 3.14 38.09 1.20
N CYS B 110 3.97 37.20 0.64
CA CYS B 110 3.57 35.81 0.44
C CYS B 110 3.75 34.97 1.71
N LYS B 111 2.97 33.91 1.81
CA LYS B 111 3.12 32.91 2.87
C LYS B 111 4.20 31.92 2.39
N ILE B 112 5.04 31.45 3.31
CA ILE B 112 6.17 30.59 2.95
C ILE B 112 6.05 29.21 3.61
N ALA B 113 6.24 28.18 2.79
CA ALA B 113 6.26 26.81 3.26
C ALA B 113 7.56 26.18 2.78
N SER B 114 8.11 25.26 3.58
CA SER B 114 9.32 24.53 3.23
C SER B 114 9.07 23.02 3.15
N ALA B 116 11.83 20.24 3.12
CA ALA B 116 13.18 19.71 3.21
C ALA B 116 13.10 18.27 3.71
N GLY B 117 14.14 17.49 3.40
CA GLY B 117 14.22 16.08 3.80
C GLY B 117 14.98 15.82 5.07
N CYS B 118 15.14 16.88 5.87
CA CYS B 118 15.81 16.81 7.17
C CYS B 118 15.15 17.83 8.08
N LYS B 119 15.28 17.59 9.38
CA LYS B 119 14.83 18.54 10.41
C LYS B 119 15.88 19.66 10.46
N ASN B 120 15.43 20.83 10.93
CA ASN B 120 16.27 22.04 11.05
C ASN B 120 16.95 22.46 9.74
N ALA B 121 16.18 22.49 8.66
CA ALA B 121 16.74 22.86 7.35
C ALA B 121 16.89 24.38 7.27
N LEU B 122 17.92 24.86 6.58
CA LEU B 122 18.15 26.30 6.42
C LEU B 122 16.89 26.99 5.92
N ILE B 123 16.22 26.37 4.95
CA ILE B 123 15.00 26.92 4.37
C ILE B 123 13.82 27.01 5.38
N ASP B 124 13.84 26.19 6.43
CA ASP B 124 12.80 26.25 7.49
C ASP B 124 12.84 27.59 8.26
N GLU B 125 14.02 28.23 8.30
CA GLU B 125 14.24 29.51 9.01
C GLU B 125 13.32 30.64 8.61
N ILE B 126 12.97 30.71 7.33
CA ILE B 126 12.09 31.76 6.83
C ILE B 126 10.71 31.23 6.47
N SER B 127 10.38 30.04 6.97
CA SER B 127 9.12 29.38 6.63
CA SER B 127 9.12 29.38 6.63
C SER B 127 8.05 29.53 7.72
N ASP B 128 6.82 29.80 7.28
CA ASP B 128 5.67 29.89 8.15
C ASP B 128 5.22 28.44 8.44
N TYR B 129 5.38 27.54 7.46
CA TYR B 129 4.94 26.13 7.57
C TYR B 129 6.05 25.16 7.20
N ILE B 130 6.54 24.41 8.19
CA ILE B 130 7.64 23.49 7.98
C ILE B 130 7.00 22.15 7.65
N LEU B 131 6.87 21.87 6.36
CA LEU B 131 6.20 20.68 5.84
C LEU B 131 7.24 19.63 5.43
N THR B 132 8.05 19.26 6.42
CA THR B 132 9.17 18.32 6.28
C THR B 132 8.77 17.03 5.57
N VAL B 133 9.59 16.64 4.59
CA VAL B 133 9.40 15.39 3.88
C VAL B 133 10.11 14.38 4.78
N ASN B 134 9.35 13.55 5.50
CA ASN B 134 9.94 12.62 6.46
C ASN B 134 10.37 11.30 5.85
N CYS B 135 11.31 11.36 4.90
CA CYS B 135 11.83 10.19 4.19
C CYS B 135 13.09 9.59 4.83
N GLY B 136 13.65 10.26 5.84
CA GLY B 136 14.88 9.81 6.50
C GLY B 136 16.07 10.30 5.68
N GLU B 137 17.28 10.10 6.21
CA GLU B 137 18.46 10.55 5.51
C GLU B 137 18.74 9.74 4.23
N GLU B 138 19.27 10.43 3.24
CA GLU B 138 19.61 9.85 1.96
C GLU B 138 21.01 10.34 1.56
N LYS B 139 22.00 9.57 2.00
N LYS B 139 22.05 9.61 1.97
CA LYS B 139 23.40 9.84 1.73
CA LYS B 139 23.46 10.00 1.74
C LYS B 139 23.78 9.27 0.37
C LYS B 139 23.99 9.85 0.30
N SER B 140 23.09 9.74 -0.66
CA SER B 140 23.45 9.44 -2.03
C SER B 140 23.30 10.73 -2.79
N GLY B 141 24.28 11.02 -3.63
CA GLY B 141 24.21 12.15 -4.52
C GLY B 141 23.07 11.94 -5.53
N ALA B 142 22.70 10.68 -5.78
CA ALA B 142 21.63 10.36 -6.76
C ALA B 142 20.32 10.02 -6.02
N LYS B 143 19.60 11.05 -5.58
CA LYS B 143 18.37 10.88 -4.77
C LYS B 143 17.26 10.20 -5.54
N THR B 144 16.59 9.25 -4.88
CA THR B 144 15.46 8.48 -5.44
C THR B 144 14.30 8.56 -4.46
N LYS B 145 14.48 7.94 -3.31
CA LYS B 145 13.50 8.00 -2.21
C LYS B 145 12.94 9.40 -1.98
N GLY B 146 13.85 10.37 -1.85
CA GLY B 146 13.46 11.76 -1.61
C GLY B 146 12.60 12.39 -2.68
N TYR B 147 12.84 12.00 -3.93
CA TYR B 147 12.06 12.48 -5.05
C TYR B 147 10.60 11.98 -4.89
N TYR B 148 10.40 10.67 -4.76
CA TYR B 148 9.07 10.06 -4.53
C TYR B 148 8.35 10.64 -3.31
N CYS B 149 9.06 10.75 -2.18
CA CYS B 149 8.43 11.25 -0.98
C CYS B 149 8.09 12.74 -1.08
N THR B 150 8.82 13.53 -1.88
CA THR B 150 8.54 14.98 -2.06
C THR B 150 7.29 15.13 -2.97
N LYS B 151 7.23 14.36 -4.07
CA LYS B 151 6.03 14.35 -4.90
C LYS B 151 4.79 13.96 -4.06
N LEU B 152 4.91 12.92 -3.24
CA LEU B 152 3.80 12.50 -2.38
C LEU B 152 3.39 13.64 -1.45
N ASN B 153 4.38 14.27 -0.82
CA ASN B 153 4.14 15.38 0.13
C ASN B 153 3.36 16.54 -0.50
N LEU B 154 3.73 16.87 -1.74
CA LEU B 154 3.02 17.86 -2.55
C LEU B 154 1.58 17.45 -2.87
N LEU B 156 -0.25 15.34 -1.04
CA LEU B 156 -0.94 15.36 0.24
C LEU B 156 -1.37 16.78 0.60
N LEU B 157 -0.46 17.74 0.43
CA LEU B 157 -0.77 19.18 0.62
C LEU B 157 -2.06 19.54 -0.12
N GLY B 158 -2.11 19.17 -1.40
CA GLY B 158 -3.28 19.39 -2.25
C GLY B 158 -4.54 18.76 -1.67
N LEU B 159 -4.46 17.47 -1.41
CA LEU B 159 -5.59 16.71 -0.87
C LEU B 159 -6.14 17.28 0.46
N GLN B 160 -5.24 17.67 1.33
CA GLN B 160 -5.53 18.24 2.65
C GLN B 160 -6.21 19.59 2.53
N ILE B 161 -5.74 20.40 1.58
CA ILE B 161 -6.35 21.70 1.30
C ILE B 161 -7.73 21.46 0.71
N ALA B 162 -7.81 20.60 -0.30
CA ALA B 162 -9.06 20.28 -1.00
C ALA B 162 -10.17 19.84 -0.04
N ARG B 163 -9.84 18.94 0.88
CA ARG B 163 -10.82 18.46 1.85
C ARG B 163 -11.24 19.61 2.79
N GLU B 164 -10.29 20.34 3.33
CA GLU B 164 -10.57 21.43 4.28
C GLU B 164 -11.46 22.48 3.68
N LYS B 165 -11.15 22.85 2.45
CA LYS B 165 -11.88 23.91 1.74
C LYS B 165 -13.19 23.45 1.07
N GLY B 166 -13.46 22.15 1.10
CA GLY B 166 -14.70 21.61 0.57
C GLY B 166 -14.74 21.17 -0.88
N ILE B 167 -13.60 21.15 -1.57
CA ILE B 167 -13.57 20.74 -2.98
C ILE B 167 -13.87 19.24 -3.11
N ILE B 168 -13.39 18.48 -2.11
CA ILE B 168 -13.61 17.04 -2.05
C ILE B 168 -14.20 16.68 -0.70
N SER B 169 -14.98 15.61 -0.68
CA SER B 169 -15.56 15.09 0.56
C SER B 169 -14.51 14.31 1.34
N SER B 170 -14.86 13.93 2.56
CA SER B 170 -13.96 13.11 3.36
C SER B 170 -13.78 11.74 2.72
N GLU B 171 -14.84 11.16 2.15
CA GLU B 171 -14.71 9.85 1.53
CA GLU B 171 -14.72 9.83 1.52
C GLU B 171 -13.87 9.92 0.26
N LYS B 172 -14.00 11.03 -0.48
CA LYS B 172 -13.22 11.23 -1.72
C LYS B 172 -11.74 11.36 -1.37
N TYR B 173 -11.41 12.08 -0.29
CA TYR B 173 -10.04 12.13 0.23
C TYR B 173 -9.56 10.70 0.49
N ASN B 174 -10.29 9.94 1.30
CA ASN B 174 -9.96 8.55 1.58
C ASN B 174 -9.77 7.69 0.32
N GLU B 175 -10.65 7.85 -0.66
CA GLU B 175 -10.52 7.11 -1.91
C GLU B 175 -9.20 7.42 -2.64
N GLU B 176 -8.84 8.70 -2.70
CA GLU B 176 -7.58 9.12 -3.34
C GLU B 176 -6.36 8.59 -2.56
N ILE B 177 -6.41 8.64 -1.24
CA ILE B 177 -5.32 8.03 -0.45
C ILE B 177 -5.18 6.55 -0.81
N ASN B 178 -6.29 5.85 -0.93
CA ASN B 178 -6.27 4.42 -1.27
C ASN B 178 -5.74 4.13 -2.69
N LYS B 179 -6.03 5.01 -3.65
CA LYS B 179 -5.44 4.89 -5.01
C LYS B 179 -3.91 5.07 -4.99
N ILE B 180 -3.44 6.05 -4.23
CA ILE B 180 -2.01 6.30 -4.06
C ILE B 180 -1.40 5.06 -3.41
N LEU B 181 -2.06 4.51 -2.40
CA LEU B 181 -1.56 3.28 -1.74
C LEU B 181 -1.50 2.11 -2.73
N ASP B 182 -2.47 2.04 -3.63
CA ASP B 182 -2.47 1.02 -4.67
C ASP B 182 -1.25 1.16 -5.60
N ALA B 183 -0.78 2.39 -5.88
CA ALA B 183 0.43 2.61 -6.69
C ALA B 183 1.68 2.24 -5.88
N ILE B 184 1.71 2.66 -4.63
CA ILE B 184 2.85 2.37 -3.75
C ILE B 184 3.08 0.84 -3.58
N ASN B 185 2.00 0.06 -3.56
CA ASN B 185 2.09 -1.38 -3.38
CA ASN B 185 2.10 -1.39 -3.36
C ASN B 185 2.63 -2.15 -4.59
N ARG B 186 2.66 -1.50 -5.75
CA ARG B 186 3.21 -2.10 -6.98
C ARG B 186 4.69 -1.82 -7.16
N PHE B 187 5.24 -0.94 -6.34
CA PHE B 187 6.64 -0.50 -6.46
C PHE B 187 7.60 -1.68 -6.47
N GLU B 188 7.49 -2.56 -5.47
CA GLU B 188 8.36 -3.75 -5.34
C GLU B 188 8.25 -4.65 -6.55
N ALA B 189 7.03 -4.94 -7.00
CA ALA B 189 6.83 -5.79 -8.18
C ALA B 189 7.51 -5.19 -9.43
N VAL B 190 7.35 -3.87 -9.60
CA VAL B 190 7.99 -3.16 -10.73
C VAL B 190 9.54 -3.23 -10.62
N TYR B 191 10.07 -3.06 -9.41
CA TYR B 191 11.51 -3.16 -9.15
C TYR B 191 12.05 -4.54 -9.58
N LYS B 192 11.37 -5.61 -9.16
CA LYS B 192 11.76 -6.96 -9.51
C LYS B 192 11.78 -7.18 -11.03
N LEU B 193 10.74 -6.74 -11.73
CA LEU B 193 10.72 -6.90 -13.19
C LEU B 193 11.81 -6.03 -13.84
N SER B 194 12.01 -4.83 -13.31
CA SER B 194 13.09 -3.96 -13.79
C SER B 194 14.47 -4.63 -13.71
N LYS B 195 14.75 -5.27 -12.57
CA LYS B 195 16.01 -5.94 -12.36
C LYS B 195 16.27 -7.05 -13.39
N GLN B 196 15.24 -7.80 -13.77
CA GLN B 196 15.33 -8.85 -14.76
C GLN B 196 15.59 -8.25 -16.16
N TRP B 197 14.87 -7.20 -16.49
CA TRP B 197 15.05 -6.48 -17.77
C TRP B 197 16.47 -5.90 -17.93
N ILE B 198 17.02 -5.31 -16.87
CA ILE B 198 18.38 -4.78 -16.89
C ILE B 198 19.40 -5.89 -17.17
N GLU B 199 19.24 -7.03 -16.48
CA GLU B 199 20.11 -8.18 -16.62
C GLU B 199 20.05 -8.71 -18.04
N ARG B 200 18.85 -8.77 -18.60
CA ARG B 200 18.66 -9.23 -19.97
C ARG B 200 19.32 -8.30 -21.02
N ASN B 201 19.32 -6.99 -20.74
CA ASN B 201 19.87 -5.96 -21.63
C ASN B 201 21.19 -5.37 -21.16
N LYS B 202 21.89 -6.12 -20.33
CA LYS B 202 23.12 -5.66 -19.66
C LYS B 202 24.19 -5.11 -20.61
N GLU B 203 24.47 -5.86 -21.67
CA GLU B 203 25.50 -5.48 -22.64
C GLU B 203 25.22 -4.11 -23.28
N LYS B 204 24.05 -3.95 -23.89
CA LYS B 204 23.69 -2.64 -24.49
C LYS B 204 23.71 -1.53 -23.44
N LEU B 205 23.21 -1.77 -22.22
CA LEU B 205 23.20 -0.72 -21.21
C LEU B 205 24.60 -0.27 -20.77
N VAL B 206 25.50 -1.22 -20.55
CA VAL B 206 26.91 -0.96 -20.19
C VAL B 206 27.60 -0.16 -21.29
N ASN B 207 27.25 -0.43 -22.55
CA ASN B 207 27.85 0.27 -23.69
C ASN B 207 27.25 1.63 -24.03
N SER B 208 26.26 2.08 -23.29
CA SER B 208 25.57 3.37 -23.53
C SER B 208 26.57 4.51 -23.76
N LYS B 209 26.38 5.22 -24.87
CA LYS B 209 27.20 6.34 -25.28
C LYS B 209 26.44 7.67 -25.09
N GLU B 210 25.16 7.71 -25.44
CA GLU B 210 24.31 8.90 -25.23
C GLU B 210 22.88 8.45 -25.24
N ILE B 211 22.10 9.01 -24.34
CA ILE B 211 20.73 8.57 -24.15
C ILE B 211 19.71 9.71 -24.27
N ARG B 212 18.54 9.38 -24.79
CA ARG B 212 17.42 10.29 -24.80
C ARG B 212 16.21 9.51 -24.26
N ILE B 213 15.39 10.14 -23.45
CA ILE B 213 14.17 9.51 -22.90
C ILE B 213 13.01 10.28 -23.52
N ILE B 214 12.01 9.56 -24.05
CA ILE B 214 10.81 10.18 -24.62
C ILE B 214 9.63 9.73 -23.77
N GLY B 215 8.93 10.71 -23.17
CA GLY B 215 7.78 10.44 -22.29
C GLY B 215 6.50 11.14 -22.75
N HIS B 216 5.39 10.74 -22.14
CA HIS B 216 4.11 11.42 -22.33
C HIS B 216 4.07 12.65 -21.42
N SER B 217 3.26 13.67 -21.78
CA SER B 217 3.15 14.88 -20.96
C SER B 217 2.76 14.62 -19.49
N ASP B 218 1.98 13.56 -19.24
CA ASP B 218 1.53 13.21 -17.88
C ASP B 218 2.70 12.84 -16.96
N ILE B 219 3.83 12.42 -17.55
CA ILE B 219 5.03 12.08 -16.82
C ILE B 219 6.24 12.94 -17.26
N TYR B 220 5.97 14.17 -17.72
CA TYR B 220 7.06 15.05 -18.16
C TYR B 220 8.11 15.33 -17.04
N GLY B 221 7.66 15.63 -15.84
CA GLY B 221 8.58 15.87 -14.72
C GLY B 221 9.44 14.63 -14.46
N ASP B 222 8.79 13.47 -14.39
CA ASP B 222 9.53 12.19 -14.22
C ASP B 222 10.52 11.91 -15.35
N THR B 223 10.19 12.32 -16.56
CA THR B 223 11.07 12.15 -17.74
C THR B 223 12.32 12.98 -17.58
N LEU B 224 12.16 14.23 -17.16
CA LEU B 224 13.29 15.11 -16.86
C LEU B 224 14.15 14.59 -15.70
N GLU B 225 13.50 14.04 -14.68
CA GLU B 225 14.23 13.50 -13.52
C GLU B 225 15.02 12.26 -13.89
N ALA B 226 14.41 11.37 -14.67
CA ALA B 226 15.08 10.17 -15.15
C ALA B 226 16.33 10.52 -15.96
N ALA B 227 16.19 11.51 -16.82
CA ALA B 227 17.30 11.98 -17.64
C ALA B 227 18.41 12.54 -16.75
N LEU B 228 18.09 13.40 -15.78
CA LEU B 228 19.14 13.98 -14.89
C LEU B 228 19.86 12.90 -14.09
N LYS B 229 19.13 11.93 -13.54
CA LYS B 229 19.78 10.89 -12.72
C LYS B 229 20.69 9.99 -13.55
N LEU B 230 20.27 9.67 -14.77
CA LEU B 230 21.15 8.92 -15.69
C LEU B 230 22.39 9.76 -16.01
N LEU B 231 22.21 11.04 -16.30
CA LEU B 231 23.34 11.92 -16.59
C LEU B 231 24.35 11.92 -15.45
N GLU B 232 23.84 12.08 -14.24
CA GLU B 232 24.71 12.15 -13.05
C GLU B 232 25.46 10.86 -12.75
N THR B 233 24.91 9.71 -13.16
CA THR B 233 25.49 8.41 -12.81
C THR B 233 26.20 7.71 -13.96
N ARG B 235 27.19 9.44 -16.59
CA ARG B 235 28.17 10.47 -16.98
C ARG B 235 28.45 10.59 -18.47
N ILE B 236 27.35 10.68 -19.19
CA ILE B 236 27.31 10.82 -20.63
C ILE B 236 26.16 11.77 -20.92
N PRO B 237 26.04 12.22 -22.17
CA PRO B 237 24.88 13.05 -22.47
C PRO B 237 23.56 12.34 -22.32
N VAL B 238 22.67 12.97 -21.54
CA VAL B 238 21.30 12.44 -21.36
C VAL B 238 20.29 13.57 -21.31
N THR B 239 19.26 13.49 -22.14
CA THR B 239 18.22 14.49 -22.16
C THR B 239 16.86 13.82 -22.25
N GLY B 240 15.87 14.40 -21.56
CA GLY B 240 14.48 13.89 -21.57
C GLY B 240 13.60 14.82 -22.37
N TYR B 241 12.62 14.26 -23.07
CA TYR B 241 11.71 15.03 -23.94
C TYR B 241 10.28 14.52 -23.85
N GLU B 242 9.32 15.44 -23.94
CA GLU B 242 7.92 15.03 -24.12
C GLU B 242 7.81 14.57 -25.61
N PHE B 243 6.87 13.67 -25.90
CA PHE B 243 6.69 13.05 -27.21
C PHE B 243 6.59 14.02 -28.39
N GLU B 244 5.66 14.97 -28.27
CA GLU B 244 5.49 15.99 -29.30
C GLU B 244 6.74 16.84 -29.54
N GLU B 245 7.38 17.29 -28.46
CA GLU B 245 8.58 18.12 -28.61
C GLU B 245 9.73 17.37 -29.28
N PHE B 246 9.82 16.07 -29.04
CA PHE B 246 10.85 15.27 -29.71
C PHE B 246 10.64 15.33 -31.24
N ILE B 247 9.40 15.32 -31.65
CA ILE B 247 9.07 15.40 -33.09
C ILE B 247 9.55 16.72 -33.69
N HIS B 248 9.53 17.78 -32.89
CA HIS B 248 9.99 19.09 -33.35
C HIS B 248 11.53 19.23 -33.37
N GLY B 249 12.17 18.38 -34.19
CA GLY B 249 13.57 18.48 -34.54
C GLY B 249 14.58 17.57 -33.89
N ILE B 250 14.22 16.92 -32.78
CA ILE B 250 15.21 16.12 -32.03
C ILE B 250 15.65 14.90 -32.84
N TYR B 251 14.73 14.33 -33.62
CA TYR B 251 15.02 13.16 -34.47
C TYR B 251 16.23 13.35 -35.38
N ASN B 252 16.55 14.61 -35.74
CA ASN B 252 17.70 14.92 -36.61
C ASN B 252 19.01 14.40 -36.04
N ALA B 253 19.14 14.35 -34.69
CA ALA B 253 20.38 13.94 -34.06
C ALA B 253 20.47 12.44 -33.73
N ILE B 254 19.50 11.63 -34.13
CA ILE B 254 19.52 10.19 -33.80
C ILE B 254 20.44 9.47 -34.77
N ASN B 255 21.32 8.62 -34.23
CA ASN B 255 22.22 7.79 -35.06
C ASN B 255 22.39 6.42 -34.42
N SER B 256 23.18 5.54 -35.04
CA SER B 256 23.24 4.16 -34.57
C SER B 256 23.86 4.00 -33.18
N ASP B 257 24.58 5.01 -32.72
CA ASP B 257 25.13 5.03 -31.36
C ASP B 257 24.18 5.64 -30.30
N SER B 258 22.97 6.06 -30.70
CA SER B 258 21.99 6.63 -29.78
C SER B 258 21.23 5.51 -29.04
N THR B 259 20.99 5.75 -27.76
CA THR B 259 20.14 4.93 -26.91
C THR B 259 18.89 5.76 -26.62
N ILE B 260 17.73 5.12 -26.74
CA ILE B 260 16.43 5.78 -26.49
CA ILE B 260 16.43 5.75 -26.55
C ILE B 260 15.55 4.90 -25.62
N PHE B 261 15.01 5.53 -24.56
CA PHE B 261 14.06 4.90 -23.64
C PHE B 261 12.73 5.58 -23.92
N ILE B 262 11.71 4.79 -24.24
CA ILE B 262 10.35 5.31 -24.47
C ILE B 262 9.48 4.86 -23.29
N LEU B 263 8.97 5.84 -22.55
CA LEU B 263 8.08 5.63 -21.41
C LEU B 263 6.68 5.74 -22.00
N ASP B 264 6.08 4.60 -22.29
CA ASP B 264 4.81 4.51 -23.02
C ASP B 264 3.63 4.37 -22.06
N THR B 265 2.90 5.47 -21.86
CA THR B 265 1.74 5.49 -20.94
C THR B 265 0.43 4.99 -21.56
N GLY B 266 0.46 4.62 -22.83
CA GLY B 266 -0.70 4.08 -23.50
C GLY B 266 -1.69 5.12 -24.01
N LYS B 267 -1.37 6.41 -23.88
CA LYS B 267 -2.25 7.50 -24.36
C LYS B 267 -1.80 8.06 -25.70
N GLU B 268 -0.72 7.55 -26.25
CA GLU B 268 -0.18 8.07 -27.51
C GLU B 268 -0.24 7.04 -28.63
N PRO B 269 -1.23 7.16 -29.54
CA PRO B 269 -1.33 6.14 -30.59
C PRO B 269 -0.16 6.07 -31.57
N ARG B 270 0.63 7.14 -31.69
CA ARG B 270 1.79 7.16 -32.57
C ARG B 270 3.06 6.45 -32.02
N VAL B 271 3.02 5.92 -30.79
CA VAL B 271 4.22 5.28 -30.20
C VAL B 271 4.77 4.13 -31.02
N THR B 272 3.90 3.29 -31.58
CA THR B 272 4.37 2.16 -32.40
C THR B 272 5.13 2.66 -33.59
N LYS B 273 4.60 3.67 -34.29
CA LYS B 273 5.29 4.27 -35.43
C LYS B 273 6.61 4.94 -35.03
N ILE B 275 8.57 4.06 -32.51
CA ILE B 275 9.49 2.95 -32.23
C ILE B 275 10.03 2.35 -33.54
N ASP B 276 9.13 2.14 -34.49
CA ASP B 276 9.53 1.57 -35.78
C ASP B 276 10.49 2.49 -36.54
N VAL B 277 10.20 3.78 -36.61
CA VAL B 277 11.11 4.71 -37.31
C VAL B 277 12.47 4.75 -36.62
N LEU B 278 12.45 4.92 -35.30
CA LEU B 278 13.74 5.00 -34.59
C LEU B 278 14.53 3.71 -34.64
N SER B 279 13.84 2.56 -34.64
CA SER B 279 14.52 1.25 -34.66
C SER B 279 15.23 0.99 -35.99
N GLY B 280 14.84 1.74 -37.02
CA GLY B 280 15.53 1.72 -38.29
C GLY B 280 16.84 2.48 -38.24
N TRP B 281 17.03 3.39 -37.29
CA TRP B 281 18.28 4.17 -37.13
C TRP B 281 19.22 3.67 -36.04
N THR B 282 18.67 3.02 -35.01
CA THR B 282 19.45 2.48 -33.88
C THR B 282 18.81 1.22 -33.33
N GLU B 283 19.67 0.29 -32.90
CA GLU B 283 19.25 -0.97 -32.31
CA GLU B 283 19.28 -0.97 -32.29
C GLU B 283 19.05 -0.82 -30.79
N ASN B 284 19.26 0.40 -30.28
CA ASN B 284 19.15 0.69 -28.85
C ASN B 284 17.89 1.42 -28.43
N VAL B 285 16.73 0.93 -28.89
CA VAL B 285 15.44 1.49 -28.50
C VAL B 285 14.79 0.52 -27.46
N PHE B 286 14.44 1.05 -26.29
CA PHE B 286 13.86 0.26 -25.17
C PHE B 286 12.54 0.89 -24.80
N ALA B 287 11.43 0.16 -24.95
CA ALA B 287 10.10 0.69 -24.58
C ALA B 287 9.66 0.11 -23.26
N ILE B 288 9.11 0.96 -22.41
CA ILE B 288 8.66 0.59 -21.07
C ILE B 288 7.17 0.96 -20.93
N GLY B 289 6.35 -0.03 -20.55
CA GLY B 289 4.94 0.21 -20.34
C GLY B 289 4.06 -0.99 -20.14
N ARG B 290 2.75 -0.70 -20.01
CA ARG B 290 1.75 -1.74 -19.74
C ARG B 290 1.49 -2.69 -20.91
N ASP B 291 1.59 -2.18 -22.12
CA ASP B 291 1.26 -2.96 -23.32
C ASP B 291 2.32 -2.96 -24.40
N VAL B 292 3.58 -3.02 -24.00
CA VAL B 292 4.72 -3.03 -24.94
C VAL B 292 4.88 -4.37 -25.63
N THR B 293 5.38 -4.32 -26.87
CA THR B 293 5.60 -5.50 -27.71
C THR B 293 6.59 -6.47 -27.08
N GLU B 294 6.47 -7.75 -27.43
CA GLU B 294 7.39 -8.79 -26.95
C GLU B 294 8.73 -8.63 -27.65
N ASN B 295 9.70 -8.12 -26.89
CA ASN B 295 11.05 -7.97 -27.36
C ASN B 295 11.87 -7.97 -26.09
N ASP B 296 13.06 -8.54 -26.13
CA ASP B 296 13.94 -8.53 -24.96
C ASP B 296 14.24 -7.13 -24.45
N LYS B 297 14.30 -6.18 -25.37
CA LYS B 297 14.58 -4.81 -25.04
C LYS B 297 13.46 -4.09 -24.32
N ASN B 298 12.22 -4.60 -24.44
CA ASN B 298 11.06 -3.96 -23.81
C ASN B 298 10.76 -4.47 -22.40
N LEU B 299 10.22 -3.58 -21.57
CA LEU B 299 9.86 -3.89 -20.18
C LEU B 299 8.36 -3.68 -20.03
N LYS B 300 7.64 -4.79 -19.89
CA LYS B 300 6.20 -4.77 -19.68
C LYS B 300 5.93 -4.73 -18.17
N ILE B 301 5.38 -3.61 -17.69
CA ILE B 301 5.03 -3.48 -16.27
C ILE B 301 3.60 -3.01 -16.15
N ASP B 302 2.85 -3.63 -15.26
CA ASP B 302 1.44 -3.32 -15.10
C ASP B 302 1.25 -2.22 -14.05
N ILE B 303 1.27 -0.99 -14.57
CA ILE B 303 1.16 0.26 -13.82
C ILE B 303 -0.28 0.74 -13.98
N THR B 304 -0.82 1.41 -12.96
CA THR B 304 -2.17 2.00 -13.02
C THR B 304 -2.36 2.87 -14.26
N ASP B 305 -3.62 2.95 -14.67
CA ASP B 305 -4.05 3.75 -15.79
C ASP B 305 -4.16 5.24 -15.37
N ASN B 306 -4.21 5.49 -14.05
CA ASN B 306 -4.32 6.82 -13.49
C ASN B 306 -3.14 7.70 -13.93
N PRO B 307 -3.42 8.80 -14.66
CA PRO B 307 -2.37 9.65 -15.21
C PRO B 307 -1.52 10.37 -14.19
N TYR B 308 -1.98 10.45 -12.95
CA TYR B 308 -1.27 11.12 -11.89
C TYR B 308 -0.51 10.12 -11.02
N TYR B 309 -1.17 9.06 -10.60
CA TYR B 309 -0.52 8.13 -9.64
C TYR B 309 0.51 7.15 -10.22
N GLN B 310 0.52 7.03 -11.54
CA GLN B 310 1.55 6.25 -12.25
C GLN B 310 2.94 6.80 -11.95
N THR B 311 3.02 8.04 -11.50
CA THR B 311 4.29 8.66 -11.14
C THR B 311 5.04 7.84 -10.06
N PHE B 312 4.34 7.07 -9.26
CA PHE B 312 5.00 6.27 -8.22
C PHE B 312 5.60 4.97 -8.70
N ASN B 313 5.47 4.67 -9.99
CA ASN B 313 6.07 3.48 -10.56
C ASN B 313 6.89 3.66 -11.82
N PHE B 314 6.58 4.65 -12.67
CA PHE B 314 7.12 4.63 -14.04
C PHE B 314 8.63 4.65 -14.23
N ILE B 315 9.34 5.47 -13.45
CA ILE B 315 10.77 5.59 -13.63
C ILE B 315 11.63 4.70 -12.74
N VAL B 316 10.98 3.84 -11.94
CA VAL B 316 11.72 2.83 -11.12
C VAL B 316 12.82 2.12 -11.95
N PRO B 317 12.47 1.59 -13.15
CA PRO B 317 13.50 0.94 -13.97
C PRO B 317 14.70 1.78 -14.32
N ILE B 318 14.47 3.07 -14.58
CA ILE B 318 15.54 3.97 -14.97
C ILE B 318 16.40 4.26 -13.74
N GLN B 319 15.80 4.54 -12.60
CA GLN B 319 16.57 4.70 -11.36
C GLN B 319 17.35 3.47 -11.03
N LEU B 320 16.80 2.27 -11.30
CA LEU B 320 17.54 1.05 -11.03
C LEU B 320 18.76 0.93 -11.93
N ILE B 321 18.62 1.38 -13.18
CA ILE B 321 19.77 1.44 -14.09
C ILE B 321 20.85 2.31 -13.48
N CYS B 322 20.45 3.44 -12.87
CA CYS B 322 21.40 4.36 -12.23
C CYS B 322 22.17 3.70 -11.10
N GLY B 323 21.51 2.81 -10.35
CA GLY B 323 22.16 2.12 -9.27
C GLY B 323 23.06 0.99 -9.74
N GLU B 324 22.65 0.26 -10.78
CA GLU B 324 23.36 -0.96 -11.20
C GLU B 324 24.41 -0.89 -12.32
N ILE B 325 24.10 -0.15 -13.37
CA ILE B 325 24.97 -0.12 -14.56
C ILE B 325 26.24 0.71 -14.34
N PRO B 326 26.17 1.88 -13.68
CA PRO B 326 27.42 2.60 -13.44
C PRO B 326 28.49 1.79 -12.71
N THR B 327 28.10 0.86 -11.84
CA THR B 327 29.08 -0.01 -11.14
C THR B 327 29.86 -0.87 -12.14
N LEU B 328 29.30 -1.11 -13.34
CA LEU B 328 30.01 -1.84 -14.39
C LEU B 328 30.78 -0.91 -15.35
N ARG B 329 30.81 0.39 -15.06
CA ARG B 329 31.45 1.43 -15.87
C ARG B 329 32.37 2.31 -15.01
N GLY B 330 32.92 1.74 -13.95
CA GLY B 330 33.89 2.44 -13.08
C GLY B 330 33.40 3.57 -12.20
N VAL B 331 32.11 3.58 -11.86
CA VAL B 331 31.54 4.65 -11.07
C VAL B 331 30.74 4.09 -9.91
N ASP B 332 30.89 4.75 -8.78
CA ASP B 332 30.07 4.51 -7.63
C ASP B 332 29.03 5.60 -7.85
N PRO B 333 27.80 5.21 -8.22
CA PRO B 333 26.83 6.25 -8.60
C PRO B 333 26.33 7.15 -7.47
N SER B 334 26.64 6.80 -6.23
CA SER B 334 26.23 7.61 -5.09
C SER B 334 27.25 8.68 -4.74
N VAL B 335 28.43 8.68 -5.38
CA VAL B 335 29.49 9.68 -5.13
C VAL B 335 29.73 10.60 -6.36
N PRO B 336 29.49 11.92 -6.24
CA PRO B 336 29.73 12.74 -7.44
C PRO B 336 31.16 12.74 -7.97
N LYS B 337 31.29 13.11 -9.24
CA LYS B 337 32.56 13.25 -9.95
C LYS B 337 33.57 14.07 -9.15
N ASP B 338 33.12 15.23 -8.66
CA ASP B 338 33.96 16.16 -7.89
C ASP B 338 33.18 16.55 -6.65
N THR B 339 33.55 15.97 -5.51
CA THR B 339 32.85 16.27 -4.28
C THR B 339 33.03 17.74 -3.81
N ARG B 340 34.00 18.45 -4.37
CA ARG B 340 34.21 19.87 -4.03
C ARG B 340 33.84 20.85 -5.13
N PHE B 341 33.02 20.42 -6.09
CA PHE B 341 32.63 21.27 -7.21
C PHE B 341 31.93 22.54 -6.75
N HIS B 342 30.94 22.38 -5.87
CA HIS B 342 30.17 23.54 -5.37
C HIS B 342 31.07 24.45 -4.55
N LYS B 344 34.38 24.83 -5.01
CA LYS B 344 35.27 25.50 -5.97
C LYS B 344 34.59 26.70 -6.67
N LEU B 345 33.31 26.55 -6.98
CA LEU B 345 32.56 27.63 -7.65
C LEU B 345 32.22 28.73 -6.65
N GLY B 346 31.79 28.30 -5.48
CA GLY B 346 31.31 29.18 -4.42
C GLY B 346 29.80 29.22 -4.55
N SER B 347 29.15 29.76 -3.52
CA SER B 347 27.71 29.90 -3.46
C SER B 347 27.31 31.25 -4.03
N LYS B 348 26.00 31.40 -4.28
CA LYS B 348 25.45 32.69 -4.69
C LYS B 348 25.17 33.46 -3.39
N LYS B 349 24.86 34.75 -3.49
CA LYS B 349 24.61 35.59 -2.29
C LYS B 349 23.30 35.22 -1.57
N LEU B 350 23.41 34.74 -0.32
CA LEU B 350 22.23 34.40 0.49
C LEU B 350 21.55 35.69 1.00
N ASN B 351 20.32 35.93 0.55
CA ASN B 351 19.56 37.12 0.95
C ASN B 351 18.90 36.94 2.33
#